data_1XV3
#
_entry.id   1XV3
#
_entity_poly.entity_id   1
_entity_poly.type   'polypeptide(L)'
_entity_poly.pdbx_seq_one_letter_code
;HSSGYTRPLRKPSRPIFIRPIGCDVCYGIPSSTARLCCFRYGDCCHL
;
_entity_poly.pdbx_strand_id   A
#
# COMPACT_ATOMS: atom_id res chain seq x y z
N HIS A 1 4.45 5.47 -24.61
CA HIS A 1 5.73 5.22 -25.35
C HIS A 1 6.19 6.49 -26.09
N SER A 2 7.47 6.69 -26.22
CA SER A 2 8.00 7.90 -26.93
C SER A 2 7.39 9.18 -26.35
N SER A 3 7.69 9.47 -25.11
CA SER A 3 7.13 10.70 -24.47
C SER A 3 7.99 11.92 -24.81
N GLY A 4 7.46 13.11 -24.61
CA GLY A 4 8.24 14.35 -24.92
C GLY A 4 9.13 14.70 -23.72
N TYR A 5 8.64 15.52 -22.83
CA TYR A 5 9.46 15.91 -21.64
C TYR A 5 8.57 16.46 -20.52
N THR A 6 8.78 16.02 -19.30
CA THR A 6 7.95 16.51 -18.16
C THR A 6 8.80 16.55 -16.87
N ARG A 7 8.71 17.62 -16.13
CA ARG A 7 9.50 17.73 -14.86
C ARG A 7 8.80 18.65 -13.86
N PRO A 8 7.72 18.16 -13.29
CA PRO A 8 6.94 18.93 -12.29
C PRO A 8 7.66 18.95 -10.94
N LEU A 9 7.30 19.87 -10.08
CA LEU A 9 7.96 19.96 -8.73
C LEU A 9 7.72 18.66 -7.95
N ARG A 10 8.68 18.25 -7.16
CA ARG A 10 8.53 16.99 -6.38
C ARG A 10 9.08 17.16 -4.96
N LYS A 11 8.38 16.64 -3.98
CA LYS A 11 8.84 16.76 -2.56
C LYS A 11 10.00 15.78 -2.30
N PRO A 12 10.71 16.02 -1.23
CA PRO A 12 11.85 15.15 -0.85
C PRO A 12 11.37 13.84 -0.21
N SER A 13 12.26 13.11 0.41
CA SER A 13 11.86 11.83 1.07
C SER A 13 10.80 12.07 2.13
N ARG A 14 9.73 11.34 2.08
CA ARG A 14 8.64 11.52 3.09
C ARG A 14 8.99 10.80 4.39
N PRO A 15 8.45 11.29 5.48
CA PRO A 15 8.70 10.68 6.81
C PRO A 15 7.95 9.35 6.94
N ILE A 16 8.39 8.50 7.84
CA ILE A 16 7.72 7.18 8.03
C ILE A 16 6.34 7.36 8.66
N PHE A 17 5.52 6.33 8.62
CA PHE A 17 4.16 6.42 9.21
C PHE A 17 3.56 5.02 9.38
N ILE A 18 2.52 4.89 10.16
CA ILE A 18 1.87 3.55 10.36
C ILE A 18 1.19 3.10 9.06
N ARG A 19 0.78 1.86 9.00
CA ARG A 19 0.12 1.36 7.77
C ARG A 19 -1.40 1.60 7.86
N PRO A 20 -2.05 1.49 6.73
CA PRO A 20 -3.52 1.68 6.65
C PRO A 20 -4.26 0.51 7.31
N ILE A 21 -5.55 0.67 7.50
CA ILE A 21 -6.37 -0.41 8.14
C ILE A 21 -6.55 -1.59 7.18
N GLY A 22 -6.99 -2.70 7.71
CA GLY A 22 -7.20 -3.92 6.86
C GLY A 22 -6.11 -4.95 7.18
N CYS A 23 -4.88 -4.60 6.93
CA CYS A 23 -3.75 -5.56 7.22
C CYS A 23 -3.58 -5.72 8.74
N ASP A 24 -3.95 -4.72 9.51
CA ASP A 24 -3.82 -4.81 10.99
C ASP A 24 -4.93 -5.70 11.60
N VAL A 25 -5.77 -6.31 10.79
CA VAL A 25 -6.85 -7.18 11.32
C VAL A 25 -7.04 -8.38 10.39
N CYS A 26 -6.07 -9.27 10.37
CA CYS A 26 -6.16 -10.49 9.49
C CYS A 26 -7.50 -11.21 9.70
N TYR A 27 -8.10 -11.06 10.85
CA TYR A 27 -9.40 -11.73 11.13
C TYR A 27 -10.53 -10.70 11.12
N GLY A 28 -11.54 -10.90 10.32
CA GLY A 28 -12.68 -9.94 10.26
C GLY A 28 -12.73 -9.25 8.90
N ILE A 29 -11.59 -9.08 8.25
CA ILE A 29 -11.60 -8.41 6.91
C ILE A 29 -12.10 -9.38 5.83
N PRO A 30 -12.47 -8.81 4.70
CA PRO A 30 -12.96 -9.61 3.56
C PRO A 30 -11.82 -10.37 2.89
N SER A 31 -12.13 -11.47 2.24
CA SER A 31 -11.08 -12.28 1.56
C SER A 31 -10.33 -11.44 0.51
N SER A 32 -11.02 -10.62 -0.23
CA SER A 32 -10.33 -9.78 -1.26
C SER A 32 -9.31 -8.86 -0.58
N THR A 33 -9.67 -8.21 0.49
CA THR A 33 -8.70 -7.33 1.19
C THR A 33 -7.60 -8.18 1.80
N ALA A 34 -7.97 -9.32 2.36
CA ALA A 34 -6.95 -10.22 2.97
C ALA A 34 -5.92 -10.64 1.91
N ARG A 35 -6.37 -10.98 0.72
CA ARG A 35 -5.41 -11.38 -0.36
C ARG A 35 -4.48 -10.20 -0.69
N LEU A 36 -5.04 -9.01 -0.78
CA LEU A 36 -4.21 -7.80 -1.08
C LEU A 36 -3.25 -7.54 0.08
N CYS A 37 -3.71 -7.71 1.29
CA CYS A 37 -2.83 -7.48 2.48
C CYS A 37 -1.67 -8.49 2.49
N CYS A 38 -1.89 -9.68 1.97
CA CYS A 38 -0.81 -10.70 1.94
C CYS A 38 0.06 -10.50 0.69
N PHE A 39 -0.54 -10.12 -0.41
CA PHE A 39 0.23 -9.91 -1.67
C PHE A 39 1.12 -8.65 -1.56
N ARG A 40 0.63 -7.61 -0.95
CA ARG A 40 1.43 -6.36 -0.84
C ARG A 40 2.16 -6.26 0.50
N TYR A 41 1.45 -6.29 1.59
CA TYR A 41 2.12 -6.17 2.92
C TYR A 41 2.73 -7.51 3.36
N GLY A 42 2.07 -8.60 3.07
CA GLY A 42 2.60 -9.93 3.47
C GLY A 42 1.91 -10.42 4.75
N ASP A 43 0.81 -9.80 5.14
CA ASP A 43 0.09 -10.25 6.38
C ASP A 43 -1.19 -10.98 5.99
N CYS A 44 -1.72 -11.77 6.90
CA CYS A 44 -2.99 -12.53 6.61
C CYS A 44 -2.77 -13.48 5.42
N CYS A 45 -1.63 -14.12 5.38
CA CYS A 45 -1.34 -15.06 4.26
C CYS A 45 -1.80 -16.48 4.61
N HIS A 46 -1.27 -17.04 5.66
CA HIS A 46 -1.68 -18.42 6.06
C HIS A 46 -2.66 -18.36 7.24
N LEU A 47 -3.93 -18.15 6.94
CA LEU A 47 -4.95 -18.08 8.03
C LEU A 47 -5.53 -19.48 8.31
N HIS A 1 4.79 -20.35 25.59
CA HIS A 1 5.18 -19.84 24.24
C HIS A 1 4.09 -20.16 23.21
N SER A 2 4.18 -19.56 22.04
CA SER A 2 3.17 -19.82 20.96
C SER A 2 1.75 -19.50 21.46
N SER A 3 1.40 -18.24 21.48
CA SER A 3 0.04 -17.85 21.95
C SER A 3 -0.36 -16.49 21.37
N GLY A 4 -1.64 -16.17 21.40
CA GLY A 4 -2.10 -14.86 20.84
C GLY A 4 -2.39 -15.01 19.35
N TYR A 5 -1.65 -14.30 18.52
CA TYR A 5 -1.85 -14.38 17.03
C TYR A 5 -3.20 -13.75 16.63
N THR A 6 -3.30 -13.31 15.39
CA THR A 6 -4.58 -12.69 14.92
C THR A 6 -5.20 -13.52 13.80
N ARG A 7 -6.49 -13.74 13.86
CA ARG A 7 -7.17 -14.55 12.80
C ARG A 7 -7.12 -13.79 11.45
N PRO A 8 -7.16 -14.55 10.39
CA PRO A 8 -7.11 -13.95 9.02
C PRO A 8 -8.43 -13.22 8.70
N LEU A 9 -8.36 -12.19 7.90
CA LEU A 9 -9.60 -11.43 7.54
C LEU A 9 -10.41 -12.20 6.47
N ARG A 10 -11.56 -11.69 6.13
CA ARG A 10 -12.41 -12.37 5.10
C ARG A 10 -11.73 -12.31 3.72
N LYS A 11 -11.97 -13.31 2.90
CA LYS A 11 -11.34 -13.34 1.55
C LYS A 11 -12.38 -13.75 0.50
N PRO A 12 -12.80 -12.78 -0.30
CA PRO A 12 -13.80 -13.05 -1.35
C PRO A 12 -13.13 -13.68 -2.58
N SER A 13 -13.86 -13.79 -3.66
CA SER A 13 -13.28 -14.38 -4.91
C SER A 13 -12.99 -13.28 -5.94
N ARG A 14 -12.09 -12.38 -5.62
CA ARG A 14 -11.75 -11.28 -6.57
C ARG A 14 -10.42 -11.59 -7.27
N PRO A 15 -10.40 -11.35 -8.56
CA PRO A 15 -9.16 -11.59 -9.36
C PRO A 15 -8.10 -10.52 -9.08
N ILE A 16 -6.91 -10.70 -9.58
CA ILE A 16 -5.82 -9.70 -9.35
C ILE A 16 -6.22 -8.32 -9.90
N PHE A 17 -5.47 -7.30 -9.57
CA PHE A 17 -5.80 -5.93 -10.06
C PHE A 17 -4.55 -5.05 -10.12
N ILE A 18 -4.64 -3.94 -10.80
CA ILE A 18 -3.45 -3.03 -10.92
C ILE A 18 -3.21 -2.29 -9.59
N ARG A 19 -2.15 -1.54 -9.51
CA ARG A 19 -1.85 -0.79 -8.26
C ARG A 19 -2.81 0.40 -8.09
N PRO A 20 -3.01 0.79 -6.86
CA PRO A 20 -3.92 1.92 -6.55
C PRO A 20 -3.34 3.27 -7.00
N ILE A 21 -4.16 4.28 -7.06
CA ILE A 21 -3.69 5.62 -7.52
C ILE A 21 -2.96 6.36 -6.38
N GLY A 22 -2.26 7.41 -6.71
CA GLY A 22 -1.51 8.19 -5.69
C GLY A 22 -0.01 7.91 -5.81
N CYS A 23 0.37 6.67 -5.65
CA CYS A 23 1.82 6.29 -5.76
C CYS A 23 2.33 6.48 -7.19
N ASP A 24 1.48 6.32 -8.18
CA ASP A 24 1.93 6.52 -9.59
C ASP A 24 1.89 8.01 -9.98
N VAL A 25 1.71 8.88 -9.03
CA VAL A 25 1.67 10.34 -9.32
C VAL A 25 2.50 11.08 -8.26
N CYS A 26 3.77 10.78 -8.20
CA CYS A 26 4.68 11.44 -7.20
C CYS A 26 4.48 12.95 -7.18
N TYR A 27 4.06 13.53 -8.28
CA TYR A 27 3.85 15.01 -8.33
C TYR A 27 2.36 15.31 -8.30
N GLY A 28 1.92 16.12 -7.38
CA GLY A 28 0.47 16.47 -7.29
C GLY A 28 -0.12 15.92 -5.99
N ILE A 29 0.40 14.83 -5.49
CA ILE A 29 -0.16 14.24 -4.22
C ILE A 29 0.37 15.02 -3.00
N PRO A 30 -0.30 14.81 -1.89
CA PRO A 30 0.10 15.49 -0.63
C PRO A 30 1.38 14.89 -0.05
N SER A 31 2.09 15.66 0.73
CA SER A 31 3.37 15.17 1.34
C SER A 31 3.15 13.90 2.18
N SER A 32 2.07 13.85 2.93
CA SER A 32 1.80 12.63 3.77
C SER A 32 1.63 11.40 2.87
N THR A 33 0.89 11.54 1.79
CA THR A 33 0.69 10.37 0.88
C THR A 33 2.04 9.99 0.25
N ALA A 34 2.82 10.97 -0.13
CA ALA A 34 4.15 10.68 -0.74
C ALA A 34 5.03 9.87 0.22
N ARG A 35 5.01 10.22 1.49
CA ARG A 35 5.84 9.47 2.49
C ARG A 35 5.34 8.02 2.58
N LEU A 36 4.05 7.82 2.61
CA LEU A 36 3.49 6.44 2.69
C LEU A 36 3.77 5.69 1.37
N CYS A 37 3.70 6.39 0.26
CA CYS A 37 3.97 5.74 -1.06
C CYS A 37 5.45 5.32 -1.17
N CYS A 38 6.34 6.04 -0.52
CA CYS A 38 7.79 5.68 -0.59
C CYS A 38 8.11 4.63 0.49
N PHE A 39 7.50 4.74 1.63
CA PHE A 39 7.75 3.77 2.73
C PHE A 39 7.18 2.39 2.40
N ARG A 40 6.02 2.34 1.79
CA ARG A 40 5.39 1.02 1.47
C ARG A 40 5.66 0.60 0.02
N TYR A 41 5.22 1.39 -0.93
CA TYR A 41 5.43 1.02 -2.37
C TYR A 41 6.89 1.26 -2.79
N GLY A 42 7.48 2.34 -2.34
CA GLY A 42 8.89 2.63 -2.72
C GLY A 42 8.94 3.68 -3.83
N ASP A 43 7.85 4.34 -4.12
CA ASP A 43 7.86 5.39 -5.20
C ASP A 43 7.76 6.78 -4.57
N CYS A 44 8.15 7.80 -5.31
CA CYS A 44 8.11 9.20 -4.79
C CYS A 44 9.07 9.34 -3.60
N CYS A 45 10.19 8.67 -3.65
CA CYS A 45 11.18 8.76 -2.54
C CYS A 45 12.13 9.93 -2.79
N HIS A 46 12.86 9.90 -3.87
CA HIS A 46 13.79 11.02 -4.19
C HIS A 46 13.06 12.08 -5.02
N LEU A 47 12.42 13.02 -4.38
CA LEU A 47 11.68 14.09 -5.12
C LEU A 47 12.18 15.48 -4.71
N HIS A 1 -0.72 -33.33 19.22
CA HIS A 1 -2.10 -33.21 18.67
C HIS A 1 -2.45 -31.73 18.46
N SER A 2 -2.97 -31.39 17.30
CA SER A 2 -3.34 -29.98 17.02
C SER A 2 -4.59 -29.90 16.13
N SER A 3 -5.36 -28.86 16.25
CA SER A 3 -6.60 -28.73 15.42
C SER A 3 -6.31 -27.92 14.16
N GLY A 4 -6.48 -28.51 13.00
CA GLY A 4 -6.21 -27.78 11.72
C GLY A 4 -7.48 -27.02 11.30
N TYR A 5 -7.36 -25.73 11.08
CA TYR A 5 -8.55 -24.94 10.66
C TYR A 5 -8.19 -24.00 9.49
N THR A 6 -9.02 -23.96 8.49
CA THR A 6 -8.74 -23.06 7.32
C THR A 6 -9.51 -21.74 7.49
N ARG A 7 -8.83 -20.70 7.87
CA ARG A 7 -9.52 -19.38 8.06
C ARG A 7 -8.51 -18.22 7.97
N PRO A 8 -8.88 -17.19 7.26
CA PRO A 8 -8.01 -16.00 7.11
C PRO A 8 -7.98 -15.18 8.41
N LEU A 9 -6.90 -14.49 8.65
CA LEU A 9 -6.79 -13.66 9.90
C LEU A 9 -7.93 -12.62 9.98
N ARG A 10 -8.26 -12.18 11.17
CA ARG A 10 -9.36 -11.18 11.31
C ARG A 10 -8.79 -9.76 11.31
N LYS A 11 -9.32 -8.90 10.48
CA LYS A 11 -8.81 -7.50 10.41
C LYS A 11 -9.34 -6.67 11.59
N PRO A 12 -8.52 -5.75 12.04
CA PRO A 12 -8.89 -4.87 13.18
C PRO A 12 -9.91 -3.80 12.73
N SER A 13 -9.97 -2.69 13.43
CA SER A 13 -10.93 -1.60 13.06
C SER A 13 -10.67 -1.11 11.63
N ARG A 14 -11.55 -0.28 11.11
CA ARG A 14 -11.39 0.24 9.71
C ARG A 14 -9.93 0.68 9.46
N PRO A 15 -9.37 0.16 8.39
CA PRO A 15 -7.97 0.49 8.02
C PRO A 15 -7.85 1.92 7.49
N ILE A 16 -6.65 2.31 7.12
CA ILE A 16 -6.43 3.71 6.59
C ILE A 16 -7.36 3.99 5.41
N PHE A 17 -7.53 5.26 5.07
CA PHE A 17 -8.41 5.64 3.92
C PHE A 17 -7.88 5.06 2.60
N ILE A 18 -8.56 5.34 1.52
CA ILE A 18 -8.13 4.81 0.18
C ILE A 18 -6.73 5.31 -0.18
N ARG A 19 -6.25 4.94 -1.36
CA ARG A 19 -4.90 5.37 -1.80
C ARG A 19 -4.78 6.90 -1.73
N PRO A 20 -3.79 7.35 -0.99
CA PRO A 20 -3.52 8.80 -0.82
C PRO A 20 -2.99 9.43 -2.10
N ILE A 21 -2.80 10.72 -2.09
CA ILE A 21 -2.29 11.44 -3.30
C ILE A 21 -0.76 11.36 -3.38
N GLY A 22 -0.21 11.70 -4.51
CA GLY A 22 1.28 11.65 -4.68
C GLY A 22 1.65 10.47 -5.57
N CYS A 23 1.34 9.27 -5.12
CA CYS A 23 1.66 8.05 -5.93
C CYS A 23 0.82 8.02 -7.21
N ASP A 24 -0.35 8.58 -7.19
CA ASP A 24 -1.21 8.59 -8.42
C ASP A 24 -0.85 9.80 -9.31
N VAL A 25 0.30 10.41 -9.09
CA VAL A 25 0.71 11.57 -9.92
C VAL A 25 2.23 11.49 -10.19
N CYS A 26 2.65 10.43 -10.85
CA CYS A 26 4.10 10.24 -11.16
C CYS A 26 4.71 11.52 -11.76
N TYR A 27 3.91 12.34 -12.39
CA TYR A 27 4.45 13.59 -12.99
C TYR A 27 4.03 14.79 -12.14
N GLY A 28 4.98 15.62 -11.77
CA GLY A 28 4.66 16.80 -10.93
C GLY A 28 5.26 16.64 -9.53
N ILE A 29 5.37 15.42 -9.06
CA ILE A 29 5.94 15.20 -7.70
C ILE A 29 7.48 15.16 -7.77
N PRO A 30 8.10 15.33 -6.63
CA PRO A 30 9.58 15.31 -6.55
C PRO A 30 10.12 13.88 -6.67
N SER A 31 11.33 13.75 -7.15
CA SER A 31 11.93 12.38 -7.33
C SER A 31 11.99 11.63 -6.00
N SER A 32 12.25 12.30 -4.91
CA SER A 32 12.31 11.60 -3.59
C SER A 32 10.94 11.01 -3.25
N THR A 33 9.89 11.79 -3.43
CA THR A 33 8.52 11.25 -3.15
C THR A 33 8.19 10.17 -4.18
N ALA A 34 8.53 10.42 -5.42
CA ALA A 34 8.25 9.41 -6.49
C ALA A 34 9.04 8.12 -6.22
N ARG A 35 10.26 8.24 -5.73
CA ARG A 35 11.07 7.02 -5.45
C ARG A 35 10.39 6.21 -4.33
N LEU A 36 9.92 6.88 -3.31
CA LEU A 36 9.23 6.17 -2.20
C LEU A 36 7.93 5.53 -2.71
N CYS A 37 7.24 6.21 -3.59
CA CYS A 37 5.97 5.67 -4.17
C CYS A 37 6.26 4.36 -4.93
N CYS A 38 7.41 4.26 -5.55
CA CYS A 38 7.74 3.01 -6.31
C CYS A 38 8.19 1.92 -5.33
N PHE A 39 8.92 2.29 -4.31
CA PHE A 39 9.41 1.30 -3.31
C PHE A 39 8.25 0.68 -2.51
N ARG A 40 7.26 1.47 -2.16
CA ARG A 40 6.12 0.93 -1.35
C ARG A 40 4.90 0.64 -2.23
N TYR A 41 4.41 1.60 -2.95
CA TYR A 41 3.19 1.37 -3.80
C TYR A 41 3.57 0.68 -5.11
N GLY A 42 4.70 1.02 -5.68
CA GLY A 42 5.12 0.39 -6.96
C GLY A 42 4.79 1.28 -8.16
N ASP A 43 4.42 2.52 -7.92
CA ASP A 43 4.09 3.45 -9.06
C ASP A 43 5.19 4.49 -9.22
N CYS A 44 5.29 5.08 -10.40
CA CYS A 44 6.34 6.11 -10.67
C CYS A 44 7.73 5.50 -10.53
N CYS A 45 7.91 4.29 -11.00
CA CYS A 45 9.23 3.63 -10.92
C CYS A 45 10.13 4.10 -12.07
N HIS A 46 9.69 3.89 -13.28
CA HIS A 46 10.49 4.33 -14.46
C HIS A 46 10.07 5.74 -14.89
N LEU A 47 10.67 6.75 -14.32
CA LEU A 47 10.30 8.16 -14.67
C LEU A 47 11.48 8.85 -15.39
N HIS A 1 8.29 7.70 -14.38
CA HIS A 1 6.81 7.98 -14.30
C HIS A 1 6.14 7.63 -15.63
N SER A 2 4.87 7.31 -15.59
CA SER A 2 4.14 6.97 -16.85
C SER A 2 3.78 8.24 -17.63
N SER A 3 3.81 8.18 -18.94
CA SER A 3 3.48 9.37 -19.79
C SER A 3 4.51 10.50 -19.58
N GLY A 4 5.24 10.84 -20.62
CA GLY A 4 6.26 11.93 -20.50
C GLY A 4 5.57 13.29 -20.53
N TYR A 5 5.12 13.77 -19.40
CA TYR A 5 4.43 15.09 -19.34
C TYR A 5 5.26 16.10 -18.54
N THR A 6 5.28 17.33 -18.97
CA THR A 6 6.07 18.37 -18.23
C THR A 6 5.29 18.85 -17.00
N ARG A 7 5.52 18.24 -15.86
CA ARG A 7 4.78 18.65 -14.62
C ARG A 7 5.61 18.27 -13.37
N PRO A 8 5.49 19.08 -12.36
CA PRO A 8 6.24 18.83 -11.09
C PRO A 8 5.62 17.66 -10.32
N LEU A 9 6.43 16.71 -9.92
CA LEU A 9 5.90 15.53 -9.16
C LEU A 9 5.80 15.86 -7.67
N ARG A 10 4.68 15.57 -7.07
CA ARG A 10 4.50 15.86 -5.61
C ARG A 10 5.29 14.86 -4.76
N LYS A 11 6.52 15.18 -4.44
CA LYS A 11 7.35 14.26 -3.61
C LYS A 11 8.37 15.06 -2.79
N PRO A 12 8.12 15.14 -1.50
CA PRO A 12 9.04 15.88 -0.60
C PRO A 12 10.30 15.04 -0.30
N SER A 13 11.05 15.43 0.69
CA SER A 13 12.29 14.66 1.04
C SER A 13 11.96 13.53 2.03
N ARG A 14 12.83 12.55 2.14
CA ARG A 14 12.60 11.39 3.07
C ARG A 14 11.40 10.54 2.62
N PRO A 15 11.59 9.24 2.65
CA PRO A 15 10.50 8.30 2.24
C PRO A 15 9.38 8.29 3.30
N ILE A 16 8.23 7.82 2.92
CA ILE A 16 7.08 7.78 3.89
C ILE A 16 7.26 6.65 4.91
N PHE A 17 6.37 6.56 5.87
CA PHE A 17 6.47 5.50 6.91
C PHE A 17 6.36 4.10 6.28
N ILE A 18 6.63 3.08 7.04
CA ILE A 18 6.56 1.68 6.51
C ILE A 18 5.10 1.27 6.27
N ARG A 19 4.88 0.08 5.77
CA ARG A 19 3.50 -0.39 5.49
C ARG A 19 2.66 -0.40 6.79
N PRO A 20 1.43 0.05 6.66
CA PRO A 20 0.49 0.12 7.82
C PRO A 20 0.06 -1.28 8.28
N ILE A 21 -0.69 -1.33 9.35
CA ILE A 21 -1.16 -2.64 9.90
C ILE A 21 -2.27 -3.22 9.02
N GLY A 22 -2.56 -4.49 9.22
CA GLY A 22 -3.63 -5.16 8.42
C GLY A 22 -2.98 -6.10 7.40
N CYS A 23 -2.16 -5.57 6.54
CA CYS A 23 -1.50 -6.43 5.51
C CYS A 23 -0.39 -7.29 6.14
N ASP A 24 0.21 -6.81 7.20
CA ASP A 24 1.29 -7.61 7.87
C ASP A 24 0.69 -8.71 8.77
N VAL A 25 -0.60 -8.93 8.70
CA VAL A 25 -1.25 -9.97 9.54
C VAL A 25 -2.32 -10.69 8.71
N CYS A 26 -1.90 -11.39 7.68
CA CYS A 26 -2.87 -12.12 6.80
C CYS A 26 -3.83 -12.99 7.63
N TYR A 27 -3.44 -13.38 8.82
CA TYR A 27 -4.35 -14.21 9.67
C TYR A 27 -4.92 -13.39 10.81
N GLY A 28 -6.21 -13.37 10.95
CA GLY A 28 -6.85 -12.58 12.05
C GLY A 28 -7.65 -11.41 11.48
N ILE A 29 -7.27 -10.90 10.33
CA ILE A 29 -8.02 -9.75 9.74
C ILE A 29 -9.29 -10.23 9.01
N PRO A 30 -10.18 -9.30 8.79
CA PRO A 30 -11.44 -9.61 8.09
C PRO A 30 -11.21 -9.83 6.59
N SER A 31 -12.09 -10.57 5.96
CA SER A 31 -11.94 -10.85 4.49
C SER A 31 -11.92 -9.56 3.68
N SER A 32 -12.73 -8.59 4.03
CA SER A 32 -12.73 -7.30 3.28
C SER A 32 -11.35 -6.63 3.36
N THR A 33 -10.78 -6.58 4.54
CA THR A 33 -9.41 -5.97 4.67
C THR A 33 -8.40 -6.88 4.00
N ALA A 34 -8.55 -8.18 4.15
CA ALA A 34 -7.60 -9.13 3.52
C ALA A 34 -7.70 -9.04 1.99
N ARG A 35 -8.88 -8.87 1.45
CA ARG A 35 -9.01 -8.74 -0.03
C ARG A 35 -8.33 -7.46 -0.51
N LEU A 36 -8.51 -6.38 0.21
CA LEU A 36 -7.86 -5.09 -0.18
C LEU A 36 -6.34 -5.22 -0.02
N CYS A 37 -5.89 -5.90 1.00
CA CYS A 37 -4.42 -6.07 1.22
C CYS A 37 -3.81 -6.84 0.05
N CYS A 38 -4.56 -7.72 -0.58
CA CYS A 38 -4.02 -8.49 -1.74
C CYS A 38 -4.17 -7.66 -3.02
N PHE A 39 -5.25 -6.94 -3.13
CA PHE A 39 -5.48 -6.09 -4.34
C PHE A 39 -4.54 -4.88 -4.36
N ARG A 40 -4.24 -4.32 -3.21
CA ARG A 40 -3.35 -3.12 -3.17
C ARG A 40 -1.90 -3.50 -2.85
N TYR A 41 -1.67 -4.18 -1.76
CA TYR A 41 -0.27 -4.55 -1.39
C TYR A 41 0.15 -5.87 -2.06
N GLY A 42 -0.76 -6.78 -2.18
CA GLY A 42 -0.43 -8.11 -2.81
C GLY A 42 -0.21 -9.17 -1.73
N ASP A 43 -0.56 -8.89 -0.48
CA ASP A 43 -0.38 -9.90 0.60
C ASP A 43 -1.73 -10.52 0.98
N CYS A 44 -1.70 -11.67 1.60
CA CYS A 44 -2.97 -12.37 2.03
C CYS A 44 -3.82 -12.67 0.78
N CYS A 45 -3.19 -13.05 -0.30
CA CYS A 45 -3.95 -13.37 -1.55
C CYS A 45 -4.46 -14.81 -1.49
N HIS A 46 -3.56 -15.76 -1.37
CA HIS A 46 -3.97 -17.19 -1.30
C HIS A 46 -4.13 -17.61 0.17
N LEU A 47 -5.30 -17.38 0.74
CA LEU A 47 -5.53 -17.76 2.17
C LEU A 47 -6.65 -18.80 2.27
N HIS A 1 -6.29 7.71 -25.66
CA HIS A 1 -5.31 7.17 -24.65
C HIS A 1 -4.74 8.32 -23.82
N SER A 2 -4.73 8.17 -22.51
CA SER A 2 -4.17 9.25 -21.64
C SER A 2 -3.77 8.65 -20.27
N SER A 3 -2.51 8.66 -19.96
CA SER A 3 -2.05 8.11 -18.64
C SER A 3 -2.43 9.04 -17.49
N GLY A 4 -2.77 8.49 -16.35
CA GLY A 4 -3.15 9.34 -15.19
C GLY A 4 -1.91 9.67 -14.35
N TYR A 5 -1.51 10.91 -14.31
CA TYR A 5 -0.31 11.30 -13.51
C TYR A 5 -0.61 12.52 -12.63
N THR A 6 -0.10 12.53 -11.43
CA THR A 6 -0.35 13.68 -10.51
C THR A 6 0.89 13.94 -9.64
N ARG A 7 1.44 15.13 -9.72
CA ARG A 7 2.64 15.44 -8.89
C ARG A 7 2.25 16.20 -7.62
N PRO A 8 2.69 15.69 -6.50
CA PRO A 8 2.38 16.33 -5.19
C PRO A 8 3.24 17.57 -4.98
N LEU A 9 2.78 18.50 -4.17
CA LEU A 9 3.57 19.74 -3.90
C LEU A 9 4.63 19.47 -2.82
N ARG A 10 5.53 18.56 -3.10
CA ARG A 10 6.60 18.23 -2.12
C ARG A 10 7.62 17.29 -2.79
N LYS A 11 8.89 17.55 -2.60
CA LYS A 11 9.93 16.68 -3.22
C LYS A 11 11.02 16.31 -2.19
N PRO A 12 10.78 15.24 -1.48
CA PRO A 12 11.74 14.77 -0.45
C PRO A 12 12.93 14.05 -1.11
N SER A 13 13.69 13.31 -0.33
CA SER A 13 14.86 12.57 -0.89
C SER A 13 14.43 11.19 -1.40
N ARG A 14 15.37 10.29 -1.57
CA ARG A 14 15.03 8.92 -2.07
C ARG A 14 13.96 8.28 -1.17
N PRO A 15 12.87 7.86 -1.80
CA PRO A 15 11.75 7.23 -1.05
C PRO A 15 12.14 5.83 -0.56
N ILE A 16 11.39 5.29 0.36
CA ILE A 16 11.67 3.92 0.90
C ILE A 16 11.26 2.85 -0.12
N PHE A 17 11.69 1.63 0.08
CA PHE A 17 11.33 0.53 -0.86
C PHE A 17 9.81 0.38 -0.99
N ILE A 18 9.35 -0.10 -2.11
CA ILE A 18 7.87 -0.26 -2.32
C ILE A 18 7.31 -1.36 -1.41
N ARG A 19 6.00 -1.47 -1.34
CA ARG A 19 5.38 -2.51 -0.49
C ARG A 19 4.89 -3.68 -1.35
N PRO A 20 4.84 -4.84 -0.73
CA PRO A 20 4.39 -6.07 -1.45
C PRO A 20 2.89 -6.03 -1.78
N ILE A 21 2.41 -7.05 -2.45
CA ILE A 21 0.97 -7.11 -2.84
C ILE A 21 0.13 -7.74 -1.72
N GLY A 22 -1.17 -7.63 -1.83
CA GLY A 22 -2.07 -8.20 -0.79
C GLY A 22 -2.62 -7.08 0.09
N CYS A 23 -1.74 -6.38 0.76
CA CYS A 23 -2.19 -5.26 1.66
C CYS A 23 -2.76 -4.09 0.84
N ASP A 24 -2.30 -3.92 -0.38
CA ASP A 24 -2.84 -2.81 -1.23
C ASP A 24 -4.17 -3.22 -1.89
N VAL A 25 -4.75 -4.32 -1.48
CA VAL A 25 -6.03 -4.78 -2.07
C VAL A 25 -6.94 -5.31 -0.95
N CYS A 26 -7.33 -4.45 -0.05
CA CYS A 26 -8.21 -4.86 1.09
C CYS A 26 -9.42 -5.65 0.59
N TYR A 27 -9.83 -5.42 -0.64
CA TYR A 27 -11.01 -6.15 -1.19
C TYR A 27 -10.53 -7.21 -2.19
N GLY A 28 -10.94 -8.44 -1.99
CA GLY A 28 -10.52 -9.54 -2.92
C GLY A 28 -9.63 -10.54 -2.18
N ILE A 29 -8.88 -10.10 -1.19
CA ILE A 29 -8.00 -11.04 -0.44
C ILE A 29 -8.79 -11.81 0.61
N PRO A 30 -8.20 -12.88 1.08
CA PRO A 30 -8.85 -13.72 2.10
C PRO A 30 -8.84 -13.06 3.48
N SER A 31 -9.77 -13.43 4.33
CA SER A 31 -9.86 -12.82 5.70
C SER A 31 -8.55 -13.01 6.47
N SER A 32 -7.95 -14.17 6.36
CA SER A 32 -6.67 -14.41 7.10
C SER A 32 -5.58 -13.46 6.62
N THR A 33 -5.45 -13.30 5.32
CA THR A 33 -4.42 -12.35 4.80
C THR A 33 -4.79 -10.92 5.18
N ALA A 34 -6.06 -10.60 5.10
CA ALA A 34 -6.51 -9.23 5.48
C ALA A 34 -6.19 -8.96 6.95
N ARG A 35 -6.41 -9.92 7.81
CA ARG A 35 -6.10 -9.71 9.26
C ARG A 35 -4.61 -9.46 9.45
N LEU A 36 -3.77 -10.21 8.77
CA LEU A 36 -2.29 -10.00 8.89
C LEU A 36 -1.91 -8.64 8.31
N CYS A 37 -2.54 -8.25 7.22
CA CYS A 37 -2.24 -6.93 6.60
C CYS A 37 -2.59 -5.79 7.56
N CYS A 38 -3.56 -6.00 8.42
CA CYS A 38 -3.95 -4.93 9.39
C CYS A 38 -3.07 -5.03 10.64
N PHE A 39 -2.74 -6.23 11.05
CA PHE A 39 -1.88 -6.42 12.25
C PHE A 39 -0.43 -5.98 11.97
N ARG A 40 0.06 -6.21 10.78
CA ARG A 40 1.48 -5.84 10.48
C ARG A 40 1.55 -4.49 9.73
N TYR A 41 0.90 -4.38 8.60
CA TYR A 41 0.97 -3.10 7.84
C TYR A 41 -0.01 -2.07 8.39
N GLY A 42 -1.17 -2.50 8.81
CA GLY A 42 -2.18 -1.55 9.36
C GLY A 42 -3.25 -1.24 8.30
N ASP A 43 -3.29 -1.99 7.21
CA ASP A 43 -4.31 -1.73 6.16
C ASP A 43 -5.42 -2.80 6.22
N CYS A 44 -6.56 -2.50 5.67
CA CYS A 44 -7.72 -3.48 5.71
C CYS A 44 -8.11 -3.75 7.16
N CYS A 45 -8.12 -2.73 7.98
CA CYS A 45 -8.50 -2.91 9.41
C CYS A 45 -10.01 -2.70 9.58
N HIS A 46 -10.48 -1.53 9.25
CA HIS A 46 -11.94 -1.22 9.39
C HIS A 46 -12.66 -1.53 8.07
N LEU A 47 -13.04 -2.78 7.86
CA LEU A 47 -13.73 -3.15 6.60
C LEU A 47 -15.08 -3.83 6.92
N HIS A 1 -16.93 -6.96 -4.08
CA HIS A 1 -16.02 -7.64 -3.09
C HIS A 1 -16.23 -7.06 -1.68
N SER A 2 -15.66 -7.69 -0.69
CA SER A 2 -15.82 -7.20 0.71
C SER A 2 -14.71 -6.18 1.03
N SER A 3 -15.09 -4.95 1.28
CA SER A 3 -14.06 -3.90 1.60
C SER A 3 -13.68 -3.96 3.09
N GLY A 4 -12.58 -4.58 3.41
CA GLY A 4 -12.15 -4.67 4.83
C GLY A 4 -11.18 -5.85 4.99
N TYR A 5 -11.27 -6.59 6.06
CA TYR A 5 -10.35 -7.75 6.27
C TYR A 5 -10.71 -8.88 5.29
N THR A 6 -9.74 -9.43 4.61
CA THR A 6 -10.02 -10.52 3.63
C THR A 6 -8.87 -11.53 3.63
N ARG A 7 -9.17 -12.80 3.79
CA ARG A 7 -8.12 -13.86 3.80
C ARG A 7 -7.05 -13.53 4.87
N PRO A 8 -7.37 -13.88 6.09
CA PRO A 8 -6.45 -13.61 7.23
C PRO A 8 -5.22 -14.54 7.16
N LEU A 9 -4.11 -14.09 7.67
CA LEU A 9 -2.87 -14.91 7.65
C LEU A 9 -2.09 -14.73 8.95
N ARG A 10 -1.64 -15.82 9.54
CA ARG A 10 -0.87 -15.73 10.81
C ARG A 10 0.52 -15.14 10.54
N LYS A 11 0.64 -13.84 10.66
CA LYS A 11 1.96 -13.17 10.40
C LYS A 11 2.13 -11.98 11.34
N PRO A 12 3.04 -12.12 12.28
CA PRO A 12 3.30 -11.03 13.26
C PRO A 12 4.19 -9.95 12.65
N SER A 13 4.44 -8.91 13.39
CA SER A 13 5.32 -7.78 12.91
C SER A 13 4.87 -7.30 11.51
N ARG A 14 3.59 -7.38 11.22
CA ARG A 14 3.07 -6.93 9.89
C ARG A 14 1.55 -7.16 9.82
N PRO A 15 0.87 -6.32 9.08
CA PRO A 15 -0.60 -6.45 8.92
C PRO A 15 -0.94 -7.62 7.99
N ILE A 16 -2.15 -8.13 8.09
CA ILE A 16 -2.57 -9.26 7.21
C ILE A 16 -2.49 -8.84 5.73
N PHE A 17 -2.23 -9.77 4.84
CA PHE A 17 -2.13 -9.45 3.38
C PHE A 17 -0.99 -8.45 3.12
N ILE A 18 -0.56 -8.32 1.89
CA ILE A 18 0.55 -7.37 1.56
C ILE A 18 0.08 -5.91 1.70
N ARG A 19 0.90 -4.97 1.29
CA ARG A 19 0.51 -3.53 1.40
C ARG A 19 -0.76 -3.26 0.56
N PRO A 20 -1.49 -2.26 0.96
CA PRO A 20 -2.75 -1.88 0.26
C PRO A 20 -2.47 -1.30 -1.14
N ILE A 21 -3.50 -1.10 -1.90
CA ILE A 21 -3.35 -0.56 -3.29
C ILE A 21 -3.01 0.94 -3.26
N GLY A 22 -2.60 1.46 -4.39
CA GLY A 22 -2.23 2.91 -4.47
C GLY A 22 -0.71 3.04 -4.48
N CYS A 23 -0.07 2.58 -3.44
CA CYS A 23 1.42 2.66 -3.37
C CYS A 23 2.05 1.75 -4.42
N ASP A 24 1.40 0.66 -4.76
CA ASP A 24 1.95 -0.27 -5.79
C ASP A 24 1.62 0.23 -7.21
N VAL A 25 1.16 1.45 -7.35
CA VAL A 25 0.82 2.01 -8.69
C VAL A 25 1.29 3.47 -8.75
N CYS A 26 2.57 3.68 -8.63
CA CYS A 26 3.13 5.07 -8.66
C CYS A 26 2.60 5.86 -9.87
N TYR A 27 2.20 5.18 -10.92
CA TYR A 27 1.67 5.89 -12.12
C TYR A 27 0.16 5.75 -12.20
N GLY A 28 -0.54 6.85 -12.31
CA GLY A 28 -2.03 6.80 -12.39
C GLY A 28 -2.66 7.43 -11.14
N ILE A 29 -1.98 7.38 -10.02
CA ILE A 29 -2.55 7.98 -8.77
C ILE A 29 -2.26 9.49 -8.71
N PRO A 30 -3.02 10.16 -7.88
CA PRO A 30 -2.85 11.62 -7.71
C PRO A 30 -1.58 11.94 -6.90
N SER A 31 -1.04 13.12 -7.08
CA SER A 31 0.20 13.52 -6.36
C SER A 31 -0.01 13.45 -4.84
N SER A 32 -1.15 13.88 -4.36
CA SER A 32 -1.39 13.84 -2.88
C SER A 32 -1.32 12.39 -2.39
N THR A 33 -1.95 11.48 -3.08
CA THR A 33 -1.88 10.05 -2.65
C THR A 33 -0.44 9.55 -2.81
N ALA A 34 0.21 9.92 -3.89
CA ALA A 34 1.62 9.50 -4.11
C ALA A 34 2.51 10.07 -3.00
N ARG A 35 2.26 11.29 -2.59
CA ARG A 35 3.10 11.90 -1.50
C ARG A 35 2.96 11.08 -0.22
N LEU A 36 1.75 10.69 0.12
CA LEU A 36 1.53 9.87 1.36
C LEU A 36 2.21 8.49 1.19
N CYS A 37 2.13 7.93 0.00
CA CYS A 37 2.76 6.59 -0.25
C CYS A 37 4.29 6.68 -0.06
N CYS A 38 4.89 7.78 -0.41
CA CYS A 38 6.36 7.93 -0.25
C CYS A 38 6.71 8.24 1.21
N PHE A 39 5.89 9.05 1.85
CA PHE A 39 6.15 9.41 3.28
C PHE A 39 5.96 8.21 4.21
N ARG A 40 4.97 7.38 3.94
CA ARG A 40 4.72 6.21 4.82
C ARG A 40 5.36 4.93 4.28
N TYR A 41 5.02 4.54 3.08
CA TYR A 41 5.60 3.28 2.52
C TYR A 41 6.97 3.54 1.87
N GLY A 42 7.16 4.68 1.28
CA GLY A 42 8.47 4.99 0.64
C GLY A 42 8.41 4.72 -0.88
N ASP A 43 7.24 4.50 -1.44
CA ASP A 43 7.14 4.25 -2.91
C ASP A 43 6.61 5.49 -3.63
N CYS A 44 6.91 5.60 -4.90
CA CYS A 44 6.44 6.79 -5.71
C CYS A 44 7.05 8.08 -5.14
N CYS A 45 8.29 8.02 -4.72
CA CYS A 45 8.95 9.24 -4.17
C CYS A 45 9.46 10.13 -5.30
N HIS A 46 10.31 9.59 -6.14
CA HIS A 46 10.84 10.40 -7.28
C HIS A 46 9.97 10.19 -8.53
N LEU A 47 8.75 10.68 -8.48
CA LEU A 47 7.83 10.51 -9.66
C LEU A 47 7.96 11.71 -10.60
N HIS A 1 14.72 12.98 -23.65
CA HIS A 1 15.35 13.49 -22.39
C HIS A 1 15.69 14.97 -22.54
N SER A 2 15.31 15.78 -21.58
CA SER A 2 15.60 17.24 -21.65
C SER A 2 15.72 17.83 -20.23
N SER A 3 16.83 17.59 -19.58
CA SER A 3 17.03 18.13 -18.19
C SER A 3 18.46 18.64 -18.02
N GLY A 4 18.64 19.66 -17.22
CA GLY A 4 20.02 20.22 -17.01
C GLY A 4 20.06 21.03 -15.71
N TYR A 5 19.89 20.36 -14.58
CA TYR A 5 19.92 21.07 -13.25
C TYR A 5 18.94 22.25 -13.23
N THR A 6 17.69 22.00 -12.92
CA THR A 6 16.68 23.10 -12.88
C THR A 6 15.85 22.98 -11.59
N ARG A 7 16.35 23.51 -10.50
CA ARG A 7 15.62 23.46 -9.19
C ARG A 7 15.53 22.01 -8.66
N PRO A 8 15.88 21.83 -7.41
CA PRO A 8 15.83 20.48 -6.79
C PRO A 8 14.37 20.05 -6.57
N LEU A 9 14.11 18.77 -6.69
CA LEU A 9 12.71 18.27 -6.49
C LEU A 9 12.49 17.81 -5.05
N ARG A 10 11.39 18.22 -4.45
CA ARG A 10 11.09 17.81 -3.05
C ARG A 10 9.58 17.67 -2.86
N LYS A 11 9.10 16.47 -2.71
CA LYS A 11 7.64 16.25 -2.52
C LYS A 11 7.24 16.50 -1.06
N PRO A 12 6.07 17.05 -0.88
CA PRO A 12 5.55 17.36 0.48
C PRO A 12 5.08 16.07 1.18
N SER A 13 4.24 16.19 2.19
CA SER A 13 3.75 14.98 2.91
C SER A 13 3.13 13.98 1.93
N ARG A 14 3.25 12.71 2.21
CA ARG A 14 2.66 11.68 1.30
C ARG A 14 1.13 11.83 1.23
N PRO A 15 0.63 11.98 0.03
CA PRO A 15 -0.83 12.13 -0.17
C PRO A 15 -1.54 10.77 -0.06
N ILE A 16 -2.85 10.77 -0.09
CA ILE A 16 -3.61 9.48 0.01
C ILE A 16 -3.26 8.55 -1.16
N PHE A 17 -3.52 7.28 -1.01
CA PHE A 17 -3.20 6.32 -2.11
C PHE A 17 -4.30 5.25 -2.24
N ILE A 18 -4.30 4.54 -3.34
CA ILE A 18 -5.35 3.48 -3.55
C ILE A 18 -5.10 2.30 -2.60
N ARG A 19 -6.00 1.35 -2.59
CA ARG A 19 -5.84 0.16 -1.71
C ARG A 19 -4.93 -0.88 -2.37
N PRO A 20 -3.93 -1.29 -1.62
CA PRO A 20 -2.96 -2.31 -2.12
C PRO A 20 -3.62 -3.70 -2.18
N ILE A 21 -3.03 -4.59 -2.94
CA ILE A 21 -3.59 -5.96 -3.08
C ILE A 21 -3.24 -6.83 -1.86
N GLY A 22 -3.89 -7.95 -1.75
CA GLY A 22 -3.66 -8.87 -0.60
C GLY A 22 -4.86 -8.80 0.34
N CYS A 23 -5.12 -7.65 0.89
CA CYS A 23 -6.30 -7.50 1.81
C CYS A 23 -7.60 -7.65 1.02
N ASP A 24 -7.60 -7.32 -0.23
CA ASP A 24 -8.84 -7.47 -1.06
C ASP A 24 -8.94 -8.89 -1.63
N VAL A 25 -8.18 -9.82 -1.10
CA VAL A 25 -8.23 -11.22 -1.60
C VAL A 25 -8.10 -12.19 -0.41
N CYS A 26 -9.06 -12.15 0.48
CA CYS A 26 -9.04 -13.06 1.68
C CYS A 26 -8.75 -14.51 1.27
N TYR A 27 -9.06 -14.88 0.06
CA TYR A 27 -8.80 -16.26 -0.41
C TYR A 27 -7.61 -16.27 -1.37
N GLY A 28 -6.62 -17.09 -1.10
CA GLY A 28 -5.43 -17.15 -1.99
C GLY A 28 -4.20 -16.65 -1.25
N ILE A 29 -4.36 -15.71 -0.34
CA ILE A 29 -3.18 -15.19 0.42
C ILE A 29 -2.82 -16.14 1.56
N PRO A 30 -1.63 -15.98 2.06
CA PRO A 30 -1.13 -16.83 3.17
C PRO A 30 -1.81 -16.45 4.49
N SER A 31 -1.90 -17.40 5.39
CA SER A 31 -2.56 -17.15 6.72
C SER A 31 -1.89 -16.00 7.47
N SER A 32 -0.58 -15.88 7.38
CA SER A 32 0.12 -14.78 8.09
C SER A 32 -0.28 -13.43 7.50
N THR A 33 -0.33 -13.32 6.20
CA THR A 33 -0.74 -12.02 5.58
C THR A 33 -2.20 -11.73 5.94
N ALA A 34 -3.04 -12.74 5.91
CA ALA A 34 -4.47 -12.53 6.26
C ALA A 34 -4.58 -11.95 7.68
N ARG A 35 -3.76 -12.43 8.59
CA ARG A 35 -3.80 -11.88 9.99
C ARG A 35 -3.33 -10.42 9.97
N LEU A 36 -2.31 -10.13 9.20
CA LEU A 36 -1.81 -8.74 9.09
C LEU A 36 -2.89 -7.86 8.45
N CYS A 37 -3.56 -8.36 7.45
CA CYS A 37 -4.65 -7.59 6.78
C CYS A 37 -5.79 -7.34 7.77
N CYS A 38 -6.12 -8.33 8.56
CA CYS A 38 -7.24 -8.16 9.56
C CYS A 38 -6.77 -7.25 10.70
N PHE A 39 -5.54 -7.39 11.12
CA PHE A 39 -5.01 -6.55 12.23
C PHE A 39 -4.90 -5.07 11.81
N ARG A 40 -4.51 -4.81 10.60
CA ARG A 40 -4.35 -3.39 10.14
C ARG A 40 -5.57 -2.91 9.34
N TYR A 41 -5.88 -3.56 8.25
CA TYR A 41 -7.04 -3.12 7.41
C TYR A 41 -8.37 -3.56 8.04
N GLY A 42 -8.43 -4.74 8.58
CA GLY A 42 -9.69 -5.23 9.20
C GLY A 42 -10.43 -6.19 8.26
N ASP A 43 -9.77 -6.67 7.22
CA ASP A 43 -10.44 -7.62 6.27
C ASP A 43 -9.81 -9.02 6.39
N CYS A 44 -10.54 -10.03 5.97
CA CYS A 44 -10.02 -11.44 6.05
C CYS A 44 -9.79 -11.83 7.52
N CYS A 45 -10.67 -11.43 8.39
CA CYS A 45 -10.52 -11.77 9.83
C CYS A 45 -11.07 -13.17 10.10
N HIS A 46 -12.32 -13.39 9.82
CA HIS A 46 -12.92 -14.74 10.04
C HIS A 46 -12.69 -15.62 8.80
N LEU A 47 -11.54 -16.24 8.72
CA LEU A 47 -11.23 -17.12 7.54
C LEU A 47 -11.19 -18.59 7.95
N HIS A 1 8.31 21.27 -24.49
CA HIS A 1 9.34 22.34 -24.59
C HIS A 1 9.64 22.93 -23.21
N SER A 2 10.91 23.11 -22.89
CA SER A 2 11.29 23.68 -21.55
C SER A 2 10.84 22.76 -20.41
N SER A 3 11.22 23.09 -19.20
CA SER A 3 10.83 22.25 -18.03
C SER A 3 10.49 23.14 -16.82
N GLY A 4 9.38 22.90 -16.17
CA GLY A 4 8.98 23.72 -15.00
C GLY A 4 9.85 23.35 -13.78
N TYR A 5 10.14 24.32 -12.94
CA TYR A 5 10.98 24.05 -11.72
C TYR A 5 12.43 23.71 -12.10
N THR A 6 13.37 24.18 -11.33
CA THR A 6 14.82 23.89 -11.64
C THR A 6 15.13 22.43 -11.28
N ARG A 7 15.44 21.63 -12.27
CA ARG A 7 15.76 20.18 -12.03
C ARG A 7 14.61 19.52 -11.26
N PRO A 8 13.48 19.39 -11.93
CA PRO A 8 12.29 18.77 -11.31
C PRO A 8 12.45 17.25 -11.23
N LEU A 9 11.88 16.63 -10.23
CA LEU A 9 12.00 15.14 -10.09
C LEU A 9 11.22 14.43 -11.20
N ARG A 10 11.62 13.22 -11.54
CA ARG A 10 10.92 12.46 -12.61
C ARG A 10 10.13 11.29 -12.01
N LYS A 11 8.83 11.40 -11.96
CA LYS A 11 8.00 10.30 -11.38
C LYS A 11 6.52 10.47 -11.77
N PRO A 12 5.93 9.41 -12.27
CA PRO A 12 4.50 9.45 -12.67
C PRO A 12 3.59 9.37 -11.43
N SER A 13 2.35 9.02 -11.61
CA SER A 13 1.41 8.91 -10.44
C SER A 13 1.94 7.88 -9.43
N ARG A 14 2.06 8.26 -8.18
CA ARG A 14 2.56 7.30 -7.15
C ARG A 14 1.44 6.88 -6.20
N PRO A 15 1.28 5.59 -6.06
CA PRO A 15 0.21 5.04 -5.16
C PRO A 15 0.60 5.21 -3.69
N ILE A 16 -0.24 4.73 -2.80
CA ILE A 16 0.04 4.85 -1.33
C ILE A 16 1.32 4.08 -0.96
N PHE A 17 1.74 4.20 0.27
CA PHE A 17 2.99 3.49 0.72
C PHE A 17 2.92 1.99 0.39
N ILE A 18 4.06 1.36 0.22
CA ILE A 18 4.09 -0.09 -0.12
C ILE A 18 3.41 -0.92 0.97
N ARG A 19 2.65 -1.92 0.58
CA ARG A 19 1.95 -2.76 1.59
C ARG A 19 2.60 -4.15 1.66
N PRO A 20 2.78 -4.61 2.87
CA PRO A 20 3.39 -5.96 3.11
C PRO A 20 2.45 -7.09 2.69
N ILE A 21 2.92 -8.30 2.76
CA ILE A 21 2.08 -9.47 2.37
C ILE A 21 1.09 -9.82 3.49
N GLY A 22 0.14 -10.66 3.19
CA GLY A 22 -0.89 -11.04 4.21
C GLY A 22 -2.21 -10.35 3.85
N CYS A 23 -2.21 -9.04 3.83
CA CYS A 23 -3.45 -8.30 3.47
C CYS A 23 -3.79 -8.53 1.99
N ASP A 24 -2.79 -8.72 1.18
CA ASP A 24 -3.02 -8.96 -0.29
C ASP A 24 -3.61 -10.36 -0.55
N VAL A 25 -3.82 -11.14 0.49
CA VAL A 25 -4.39 -12.51 0.31
C VAL A 25 -5.34 -12.82 1.46
N CYS A 26 -6.50 -12.21 1.46
CA CYS A 26 -7.50 -12.44 2.55
C CYS A 26 -7.72 -13.94 2.81
N TYR A 27 -7.44 -14.78 1.84
CA TYR A 27 -7.64 -16.25 2.03
C TYR A 27 -6.29 -16.95 2.22
N GLY A 28 -6.16 -17.72 3.26
CA GLY A 28 -4.88 -18.44 3.52
C GLY A 28 -4.17 -17.87 4.75
N ILE A 29 -4.42 -16.63 5.09
CA ILE A 29 -3.75 -16.04 6.29
C ILE A 29 -4.43 -16.48 7.59
N PRO A 30 -3.71 -16.32 8.67
CA PRO A 30 -4.23 -16.70 10.00
C PRO A 30 -5.29 -15.70 10.49
N SER A 31 -6.15 -16.15 11.38
CA SER A 31 -7.24 -15.27 11.92
C SER A 31 -6.66 -13.99 12.55
N SER A 32 -5.57 -14.10 13.28
CA SER A 32 -4.97 -12.89 13.91
C SER A 32 -4.50 -11.90 12.84
N THR A 33 -3.87 -12.38 11.80
CA THR A 33 -3.42 -11.46 10.72
C THR A 33 -4.64 -10.84 10.04
N ALA A 34 -5.66 -11.63 9.82
CA ALA A 34 -6.90 -11.09 9.17
C ALA A 34 -7.46 -9.92 9.98
N ARG A 35 -7.48 -10.03 11.30
CA ARG A 35 -7.99 -8.91 12.14
C ARG A 35 -7.08 -7.69 11.98
N LEU A 36 -5.79 -7.89 11.97
CA LEU A 36 -4.84 -6.75 11.81
C LEU A 36 -4.95 -6.18 10.39
N CYS A 37 -5.14 -7.04 9.41
CA CYS A 37 -5.26 -6.56 8.00
C CYS A 37 -6.56 -5.76 7.82
N CYS A 38 -7.59 -6.09 8.55
CA CYS A 38 -8.88 -5.35 8.44
C CYS A 38 -8.87 -4.13 9.36
N PHE A 39 -8.25 -4.26 10.51
CA PHE A 39 -8.19 -3.12 11.48
C PHE A 39 -7.29 -1.98 10.95
N ARG A 40 -6.17 -2.31 10.37
CA ARG A 40 -5.25 -1.24 9.88
C ARG A 40 -5.43 -0.98 8.38
N TYR A 41 -5.35 -2.00 7.56
CA TYR A 41 -5.48 -1.77 6.09
C TYR A 41 -6.96 -1.70 5.67
N GLY A 42 -7.80 -2.48 6.30
CA GLY A 42 -9.25 -2.46 5.94
C GLY A 42 -9.58 -3.61 4.98
N ASP A 43 -8.69 -4.55 4.79
CA ASP A 43 -8.97 -5.69 3.87
C ASP A 43 -9.29 -6.96 4.68
N CYS A 44 -9.96 -7.90 4.06
CA CYS A 44 -10.31 -9.17 4.78
C CYS A 44 -11.23 -8.86 5.98
N CYS A 45 -12.14 -7.93 5.82
CA CYS A 45 -13.06 -7.57 6.93
C CYS A 45 -14.31 -8.46 6.89
N HIS A 46 -15.04 -8.41 5.81
CA HIS A 46 -16.26 -9.26 5.69
C HIS A 46 -15.96 -10.51 4.87
N LEU A 47 -15.13 -11.38 5.39
CA LEU A 47 -14.77 -12.64 4.65
C LEU A 47 -15.59 -13.82 5.20
N HIS A 1 4.13 -6.48 9.53
CA HIS A 1 4.38 -6.04 8.12
C HIS A 1 3.29 -6.60 7.19
N SER A 2 2.89 -5.83 6.20
CA SER A 2 1.85 -6.33 5.26
C SER A 2 2.48 -6.73 3.92
N SER A 3 2.57 -8.00 3.65
CA SER A 3 3.18 -8.47 2.37
C SER A 3 2.23 -9.43 1.65
N GLY A 4 1.19 -8.91 1.05
CA GLY A 4 0.22 -9.78 0.34
C GLY A 4 -0.75 -10.43 1.33
N TYR A 5 -1.80 -11.05 0.85
CA TYR A 5 -2.78 -11.71 1.75
C TYR A 5 -3.09 -13.12 1.25
N THR A 6 -3.11 -14.09 2.14
CA THR A 6 -3.41 -15.50 1.71
C THR A 6 -4.82 -15.91 2.15
N ARG A 7 -5.81 -15.12 1.77
CA ARG A 7 -7.24 -15.43 2.13
C ARG A 7 -7.45 -15.40 3.64
N PRO A 8 -8.35 -14.56 4.08
CA PRO A 8 -8.65 -14.43 5.52
C PRO A 8 -9.52 -15.60 6.00
N LEU A 9 -9.60 -15.81 7.29
CA LEU A 9 -10.43 -16.92 7.83
C LEU A 9 -11.92 -16.55 7.75
N ARG A 10 -12.65 -17.18 6.85
CA ARG A 10 -14.11 -16.89 6.68
C ARG A 10 -14.31 -15.42 6.28
N LYS A 11 -14.36 -15.15 5.00
CA LYS A 11 -14.55 -13.75 4.51
C LYS A 11 -15.92 -13.19 4.94
N PRO A 12 -15.88 -12.23 5.83
CA PRO A 12 -17.14 -11.60 6.32
C PRO A 12 -17.66 -10.57 5.29
N SER A 13 -18.48 -9.64 5.72
CA SER A 13 -19.01 -8.61 4.77
C SER A 13 -17.87 -7.67 4.33
N ARG A 14 -18.16 -6.76 3.43
CA ARG A 14 -17.10 -5.81 2.94
C ARG A 14 -16.33 -5.16 4.11
N PRO A 15 -15.10 -5.57 4.27
CA PRO A 15 -14.26 -5.04 5.36
C PRO A 15 -13.59 -3.72 4.95
N ILE A 16 -13.21 -2.93 5.91
CA ILE A 16 -12.54 -1.62 5.58
C ILE A 16 -11.14 -1.89 5.03
N PHE A 17 -10.58 -0.96 4.31
CA PHE A 17 -9.22 -1.17 3.72
C PHE A 17 -8.27 -0.03 4.10
N ILE A 18 -7.05 -0.36 4.40
CA ILE A 18 -6.04 0.67 4.77
C ILE A 18 -5.20 1.03 3.54
N ARG A 19 -4.23 1.91 3.71
CA ARG A 19 -3.36 2.29 2.55
C ARG A 19 -2.78 1.03 1.88
N PRO A 20 -2.75 1.06 0.58
CA PRO A 20 -2.22 -0.09 -0.21
C PRO A 20 -0.70 -0.22 -0.05
N ILE A 21 -0.14 -1.27 -0.56
CA ILE A 21 1.34 -1.50 -0.45
C ILE A 21 2.08 -0.60 -1.46
N GLY A 22 3.37 -0.51 -1.31
CA GLY A 22 4.18 0.35 -2.23
C GLY A 22 4.61 1.60 -1.47
N CYS A 23 3.67 2.39 -1.02
CA CYS A 23 4.02 3.62 -0.24
C CYS A 23 4.65 3.22 1.10
N ASP A 24 4.28 2.08 1.62
CA ASP A 24 4.84 1.61 2.92
C ASP A 24 6.29 1.09 2.76
N VAL A 25 6.85 1.19 1.57
CA VAL A 25 8.23 0.70 1.35
C VAL A 25 8.95 1.64 0.38
N CYS A 26 9.26 2.84 0.83
CA CYS A 26 9.96 3.84 -0.04
C CYS A 26 11.21 3.25 -0.69
N TYR A 27 11.77 2.21 -0.12
CA TYR A 27 13.00 1.59 -0.70
C TYR A 27 12.66 0.27 -1.39
N GLY A 28 13.07 0.10 -2.61
CA GLY A 28 12.78 -1.17 -3.34
C GLY A 28 11.80 -0.92 -4.49
N ILE A 29 10.96 0.09 -4.38
CA ILE A 29 9.98 0.37 -5.47
C ILE A 29 10.62 1.22 -6.58
N PRO A 30 9.99 1.21 -7.72
CA PRO A 30 10.49 1.99 -8.88
C PRO A 30 10.22 3.49 -8.69
N SER A 31 10.99 4.32 -9.35
CA SER A 31 10.81 5.80 -9.22
C SER A 31 9.39 6.23 -9.62
N SER A 32 8.85 5.65 -10.67
CA SER A 32 7.47 6.03 -11.10
C SER A 32 6.47 5.74 -9.98
N THR A 33 6.57 4.57 -9.38
CA THR A 33 5.64 4.24 -8.25
C THR A 33 5.99 5.13 -7.06
N ALA A 34 7.26 5.33 -6.81
CA ALA A 34 7.68 6.19 -5.66
C ALA A 34 7.20 7.63 -5.88
N ARG A 35 7.24 8.12 -7.09
CA ARG A 35 6.76 9.52 -7.36
C ARG A 35 5.26 9.60 -7.07
N LEU A 36 4.52 8.60 -7.49
CA LEU A 36 3.04 8.59 -7.24
C LEU A 36 2.78 8.51 -5.73
N CYS A 37 3.56 7.72 -5.02
CA CYS A 37 3.39 7.60 -3.54
C CYS A 37 3.65 8.94 -2.86
N CYS A 38 4.50 9.76 -3.43
CA CYS A 38 4.80 11.09 -2.82
C CYS A 38 3.77 12.12 -3.31
N PHE A 39 3.38 12.02 -4.56
CA PHE A 39 2.37 12.97 -5.12
C PHE A 39 1.00 12.78 -4.47
N ARG A 40 0.61 11.57 -4.20
CA ARG A 40 -0.74 11.32 -3.60
C ARG A 40 -0.66 11.10 -2.09
N TYR A 41 0.13 10.15 -1.65
CA TYR A 41 0.21 9.87 -0.18
C TYR A 41 1.18 10.83 0.51
N GLY A 42 2.25 11.19 -0.16
CA GLY A 42 3.24 12.12 0.46
C GLY A 42 4.44 11.35 1.03
N ASP A 43 4.57 10.07 0.72
CA ASP A 43 5.73 9.29 1.24
C ASP A 43 6.75 9.06 0.12
N CYS A 44 7.97 8.78 0.48
CA CYS A 44 9.05 8.54 -0.53
C CYS A 44 9.26 9.79 -1.39
N CYS A 45 9.19 10.96 -0.79
CA CYS A 45 9.38 12.22 -1.55
C CYS A 45 10.87 12.54 -1.68
N HIS A 46 11.56 12.69 -0.57
CA HIS A 46 13.02 13.00 -0.62
C HIS A 46 13.82 11.69 -0.51
N LEU A 47 14.07 11.05 -1.62
CA LEU A 47 14.86 9.78 -1.59
C LEU A 47 16.08 9.88 -2.52
N HIS A 1 23.95 18.25 -13.60
CA HIS A 1 23.72 16.97 -12.84
C HIS A 1 22.28 16.49 -13.06
N SER A 2 22.09 15.18 -13.19
CA SER A 2 20.74 14.61 -13.41
C SER A 2 20.09 15.21 -14.66
N SER A 3 20.50 14.77 -15.82
CA SER A 3 19.91 15.31 -17.09
C SER A 3 18.45 14.92 -17.22
N GLY A 4 17.62 15.79 -17.73
CA GLY A 4 16.17 15.48 -17.87
C GLY A 4 15.41 16.06 -16.68
N TYR A 5 15.65 15.52 -15.49
CA TYR A 5 14.95 16.02 -14.25
C TYR A 5 13.44 15.71 -14.31
N THR A 6 12.97 14.85 -13.43
CA THR A 6 11.51 14.52 -13.42
C THR A 6 10.75 15.48 -12.50
N ARG A 7 9.65 16.00 -12.96
CA ARG A 7 8.86 16.95 -12.12
C ARG A 7 8.02 16.16 -11.10
N PRO A 8 7.88 16.73 -9.92
CA PRO A 8 7.11 16.06 -8.84
C PRO A 8 5.59 16.18 -9.11
N LEU A 9 4.86 15.16 -8.75
CA LEU A 9 3.37 15.19 -8.97
C LEU A 9 2.69 16.12 -7.95
N ARG A 10 1.42 16.39 -8.15
CA ARG A 10 0.69 17.28 -7.21
C ARG A 10 0.71 16.70 -5.79
N LYS A 11 1.35 17.39 -4.87
CA LYS A 11 1.43 16.89 -3.46
C LYS A 11 0.03 16.80 -2.84
N PRO A 12 -0.33 15.60 -2.42
CA PRO A 12 -1.66 15.36 -1.81
C PRO A 12 -1.67 15.85 -0.34
N SER A 13 -2.62 15.40 0.43
CA SER A 13 -2.71 15.83 1.87
C SER A 13 -2.06 14.76 2.78
N ARG A 14 -0.78 14.52 2.58
CA ARG A 14 -0.04 13.51 3.42
C ARG A 14 -0.54 12.07 3.14
N PRO A 15 0.41 11.17 3.01
CA PRO A 15 0.06 9.74 2.74
C PRO A 15 -0.49 9.06 4.01
N ILE A 16 -0.99 7.86 3.87
CA ILE A 16 -1.56 7.12 5.05
C ILE A 16 -0.46 6.90 6.10
N PHE A 17 -0.86 6.65 7.33
CA PHE A 17 0.14 6.43 8.43
C PHE A 17 1.01 5.19 8.13
N ILE A 18 1.94 4.89 9.02
CA ILE A 18 2.85 3.72 8.83
C ILE A 18 2.05 2.47 8.42
N ARG A 19 2.55 1.73 7.47
CA ARG A 19 1.85 0.49 7.01
C ARG A 19 1.92 -0.60 8.09
N PRO A 20 0.76 -1.00 8.54
CA PRO A 20 0.67 -2.06 9.57
C PRO A 20 1.05 -3.42 9.00
N ILE A 21 1.37 -4.36 9.85
CA ILE A 21 1.76 -5.73 9.39
C ILE A 21 0.54 -6.51 8.92
N GLY A 22 0.76 -7.58 8.19
CA GLY A 22 -0.35 -8.41 7.67
C GLY A 22 -0.45 -8.25 6.16
N CYS A 23 -0.71 -7.05 5.70
CA CYS A 23 -0.81 -6.80 4.23
C CYS A 23 0.55 -7.02 3.55
N ASP A 24 1.63 -6.78 4.25
CA ASP A 24 2.98 -6.98 3.65
C ASP A 24 3.41 -8.46 3.75
N VAL A 25 2.49 -9.35 4.09
CA VAL A 25 2.82 -10.79 4.19
C VAL A 25 1.65 -11.61 3.63
N CYS A 26 1.39 -11.47 2.35
CA CYS A 26 0.27 -12.23 1.70
C CYS A 26 0.34 -13.73 2.04
N TYR A 27 1.51 -14.23 2.35
CA TYR A 27 1.63 -15.67 2.69
C TYR A 27 1.83 -15.85 4.19
N GLY A 28 1.05 -16.69 4.80
CA GLY A 28 1.17 -16.92 6.27
C GLY A 28 -0.07 -16.41 6.99
N ILE A 29 -0.70 -15.39 6.47
CA ILE A 29 -1.93 -14.85 7.14
C ILE A 29 -3.17 -15.64 6.72
N PRO A 30 -4.21 -15.49 7.50
CA PRO A 30 -5.48 -16.19 7.21
C PRO A 30 -6.21 -15.54 6.02
N SER A 31 -7.03 -16.30 5.33
CA SER A 31 -7.77 -15.75 4.15
C SER A 31 -8.64 -14.56 4.54
N SER A 32 -9.27 -14.61 5.70
CA SER A 32 -10.12 -13.45 6.13
C SER A 32 -9.27 -12.20 6.26
N THR A 33 -8.13 -12.29 6.90
CA THR A 33 -7.24 -11.10 7.04
C THR A 33 -6.71 -10.71 5.66
N ALA A 34 -6.35 -11.70 4.86
CA ALA A 34 -5.84 -11.41 3.49
C ALA A 34 -6.92 -10.72 2.65
N ARG A 35 -8.16 -11.16 2.78
CA ARG A 35 -9.26 -10.52 1.99
C ARG A 35 -9.39 -9.05 2.40
N LEU A 36 -9.33 -8.76 3.68
CA LEU A 36 -9.43 -7.34 4.15
C LEU A 36 -8.25 -6.53 3.58
N CYS A 37 -7.08 -7.13 3.56
CA CYS A 37 -5.87 -6.43 3.02
C CYS A 37 -6.07 -6.11 1.53
N CYS A 38 -6.75 -6.96 0.81
CA CYS A 38 -6.99 -6.69 -0.64
C CYS A 38 -8.09 -5.63 -0.82
N PHE A 39 -9.09 -5.66 0.01
CA PHE A 39 -10.21 -4.67 -0.09
C PHE A 39 -9.71 -3.25 0.26
N ARG A 40 -8.86 -3.12 1.23
CA ARG A 40 -8.39 -1.76 1.62
C ARG A 40 -7.01 -1.44 1.01
N TYR A 41 -6.02 -2.24 1.26
CA TYR A 41 -4.67 -1.96 0.69
C TYR A 41 -4.56 -2.42 -0.76
N GLY A 42 -5.17 -3.52 -1.08
CA GLY A 42 -5.09 -4.05 -2.48
C GLY A 42 -4.01 -5.14 -2.59
N ASP A 43 -3.50 -5.63 -1.46
CA ASP A 43 -2.45 -6.69 -1.52
C ASP A 43 -3.06 -8.04 -1.14
N CYS A 44 -2.45 -9.11 -1.59
CA CYS A 44 -2.98 -10.49 -1.27
C CYS A 44 -4.38 -10.66 -1.88
N CYS A 45 -4.58 -10.18 -3.08
CA CYS A 45 -5.92 -10.29 -3.72
C CYS A 45 -6.07 -11.66 -4.41
N HIS A 46 -5.17 -11.98 -5.30
CA HIS A 46 -5.26 -13.30 -6.03
C HIS A 46 -4.34 -14.34 -5.35
N LEU A 47 -4.52 -14.56 -4.07
CA LEU A 47 -3.68 -15.57 -3.36
C LEU A 47 -4.24 -16.98 -3.56
N HIS A 1 -2.92 -24.64 22.90
CA HIS A 1 -4.16 -23.86 23.22
C HIS A 1 -5.37 -24.50 22.54
N SER A 2 -6.56 -24.19 23.01
CA SER A 2 -7.79 -24.77 22.39
C SER A 2 -8.53 -23.70 21.56
N SER A 3 -8.56 -23.86 20.26
CA SER A 3 -9.27 -22.86 19.40
C SER A 3 -10.16 -23.57 18.38
N GLY A 4 -11.46 -23.44 18.53
CA GLY A 4 -12.40 -24.10 17.58
C GLY A 4 -12.21 -23.51 16.17
N TYR A 5 -12.18 -22.21 16.06
CA TYR A 5 -11.99 -21.57 14.72
C TYR A 5 -10.48 -21.41 14.43
N THR A 6 -10.09 -21.69 13.22
CA THR A 6 -8.64 -21.55 12.85
C THR A 6 -8.40 -20.22 12.14
N ARG A 7 -7.17 -19.78 12.09
CA ARG A 7 -6.86 -18.48 11.41
C ARG A 7 -5.61 -18.62 10.54
N PRO A 8 -5.79 -19.25 9.40
CA PRO A 8 -4.66 -19.44 8.44
C PRO A 8 -4.32 -18.13 7.75
N LEU A 9 -3.04 -17.84 7.59
CA LEU A 9 -2.61 -16.57 6.93
C LEU A 9 -3.23 -15.36 7.64
N ARG A 10 -2.85 -15.15 8.88
CA ARG A 10 -3.41 -13.99 9.66
C ARG A 10 -2.98 -12.67 9.02
N LYS A 11 -3.93 -11.88 8.59
CA LYS A 11 -3.62 -10.56 7.96
C LYS A 11 -2.71 -10.75 6.72
N PRO A 12 -3.32 -11.13 5.62
CA PRO A 12 -2.57 -11.35 4.36
C PRO A 12 -2.18 -10.01 3.71
N SER A 13 -1.84 -10.01 2.44
CA SER A 13 -1.47 -8.74 1.76
C SER A 13 -2.65 -8.15 0.98
N ARG A 14 -3.84 -8.29 1.51
CA ARG A 14 -5.08 -7.74 0.83
C ARG A 14 -5.34 -8.44 -0.52
N PRO A 15 -6.61 -8.65 -0.80
CA PRO A 15 -7.01 -9.30 -2.08
C PRO A 15 -6.84 -8.31 -3.24
N ILE A 16 -7.07 -8.76 -4.45
CA ILE A 16 -6.94 -7.87 -5.65
C ILE A 16 -7.75 -6.57 -5.45
N PHE A 17 -7.16 -5.45 -5.78
CA PHE A 17 -7.89 -4.16 -5.61
C PHE A 17 -7.31 -3.09 -6.56
N ILE A 18 -8.01 -2.01 -6.74
CA ILE A 18 -7.52 -0.91 -7.65
C ILE A 18 -6.28 -0.24 -7.03
N ARG A 19 -5.85 0.84 -7.62
CA ARG A 19 -4.65 1.57 -7.09
C ARG A 19 -4.76 1.76 -5.56
N PRO A 20 -3.77 1.26 -4.87
CA PRO A 20 -3.73 1.36 -3.39
C PRO A 20 -3.47 2.80 -2.93
N ILE A 21 -3.62 3.05 -1.65
CA ILE A 21 -3.42 4.42 -1.11
C ILE A 21 -1.92 4.73 -0.96
N GLY A 22 -1.60 5.97 -0.74
CA GLY A 22 -0.18 6.40 -0.59
C GLY A 22 0.27 7.13 -1.85
N CYS A 23 0.29 6.44 -2.95
CA CYS A 23 0.69 7.08 -4.25
C CYS A 23 -0.38 8.07 -4.72
N ASP A 24 -1.62 7.83 -4.38
CA ASP A 24 -2.71 8.76 -4.80
C ASP A 24 -2.82 9.93 -3.80
N VAL A 25 -1.83 10.12 -2.96
CA VAL A 25 -1.86 11.23 -1.98
C VAL A 25 -0.45 11.85 -1.89
N CYS A 26 -0.01 12.44 -2.97
CA CYS A 26 1.35 13.07 -3.01
C CYS A 26 1.60 13.96 -1.78
N TYR A 27 0.55 14.46 -1.17
CA TYR A 27 0.73 15.34 0.01
C TYR A 27 0.44 14.55 1.31
N GLY A 28 1.35 14.56 2.24
CA GLY A 28 1.14 13.83 3.52
C GLY A 28 2.08 12.63 3.60
N ILE A 29 2.51 12.09 2.49
CA ILE A 29 3.43 10.91 2.53
C ILE A 29 4.89 11.36 2.62
N PRO A 30 5.73 10.44 3.01
CA PRO A 30 7.18 10.74 3.14
C PRO A 30 7.85 10.81 1.77
N SER A 31 8.94 11.54 1.69
CA SER A 31 9.67 11.68 0.38
C SER A 31 10.11 10.32 -0.16
N SER A 32 10.57 9.45 0.70
CA SER A 32 11.00 8.10 0.22
C SER A 32 9.84 7.39 -0.47
N THR A 33 8.68 7.41 0.13
CA THR A 33 7.49 6.75 -0.52
C THR A 33 7.10 7.56 -1.76
N ALA A 34 7.15 8.87 -1.66
CA ALA A 34 6.80 9.73 -2.83
C ALA A 34 7.77 9.47 -3.98
N ARG A 35 9.04 9.27 -3.69
CA ARG A 35 10.04 9.00 -4.78
C ARG A 35 9.70 7.66 -5.44
N LEU A 36 9.40 6.65 -4.65
CA LEU A 36 9.04 5.32 -5.21
C LEU A 36 7.70 5.42 -5.96
N CYS A 37 6.80 6.21 -5.44
CA CYS A 37 5.47 6.39 -6.09
C CYS A 37 5.63 6.98 -7.50
N CYS A 38 6.64 7.78 -7.72
CA CYS A 38 6.87 8.37 -9.07
C CYS A 38 7.64 7.39 -9.97
N PHE A 39 8.57 6.68 -9.39
CA PHE A 39 9.38 5.70 -10.19
C PHE A 39 8.52 4.51 -10.64
N ARG A 40 7.64 4.04 -9.80
CA ARG A 40 6.81 2.86 -10.16
C ARG A 40 5.41 3.28 -10.67
N TYR A 41 4.66 4.01 -9.88
CA TYR A 41 3.29 4.42 -10.33
C TYR A 41 3.35 5.62 -11.27
N GLY A 42 4.25 6.54 -11.02
CA GLY A 42 4.35 7.74 -11.89
C GLY A 42 3.62 8.94 -11.24
N ASP A 43 3.26 8.84 -9.98
CA ASP A 43 2.56 9.96 -9.30
C ASP A 43 3.53 10.69 -8.37
N CYS A 44 3.26 11.93 -8.05
CA CYS A 44 4.16 12.72 -7.15
C CYS A 44 5.54 12.87 -7.82
N CYS A 45 5.56 13.09 -9.11
CA CYS A 45 6.86 13.24 -9.83
C CYS A 45 7.30 14.71 -9.86
N HIS A 46 6.49 15.58 -10.41
CA HIS A 46 6.85 17.03 -10.47
C HIS A 46 6.42 17.75 -9.19
N LEU A 47 6.78 17.22 -8.04
CA LEU A 47 6.41 17.86 -6.75
C LEU A 47 7.64 18.47 -6.08
N HIS A 1 4.72 19.43 -18.19
CA HIS A 1 6.06 20.03 -18.51
C HIS A 1 6.08 21.52 -18.15
N SER A 2 7.14 21.98 -17.53
CA SER A 2 7.22 23.41 -17.14
C SER A 2 8.69 23.82 -16.89
N SER A 3 8.95 25.10 -16.84
CA SER A 3 10.35 25.60 -16.61
C SER A 3 11.32 25.03 -17.66
N GLY A 4 11.31 25.58 -18.85
CA GLY A 4 12.23 25.08 -19.91
C GLY A 4 13.60 25.76 -19.78
N TYR A 5 14.17 25.73 -18.60
CA TYR A 5 15.51 26.37 -18.38
C TYR A 5 16.04 26.00 -16.99
N THR A 6 17.34 26.01 -16.82
CA THR A 6 17.96 25.67 -15.49
C THR A 6 17.64 24.21 -15.10
N ARG A 7 18.37 23.70 -14.14
CA ARG A 7 18.12 22.28 -13.69
C ARG A 7 16.97 22.25 -12.68
N PRO A 8 16.11 21.27 -12.85
CA PRO A 8 14.94 21.12 -11.94
C PRO A 8 15.37 20.56 -10.58
N LEU A 9 14.63 20.89 -9.55
CA LEU A 9 14.99 20.40 -8.18
C LEU A 9 14.58 18.93 -8.01
N ARG A 10 14.92 18.34 -6.89
CA ARG A 10 14.56 16.90 -6.65
C ARG A 10 13.04 16.76 -6.50
N LYS A 11 12.36 16.48 -7.58
CA LYS A 11 10.87 16.32 -7.53
C LYS A 11 10.40 15.43 -8.69
N PRO A 12 10.43 14.13 -8.45
CA PRO A 12 10.00 13.16 -9.49
C PRO A 12 8.47 13.10 -9.59
N SER A 13 7.94 12.07 -10.21
CA SER A 13 6.45 11.96 -10.34
C SER A 13 5.83 11.47 -9.02
N ARG A 14 4.53 11.58 -8.90
CA ARG A 14 3.85 11.13 -7.64
C ARG A 14 4.14 9.64 -7.38
N PRO A 15 4.18 9.29 -6.12
CA PRO A 15 4.45 7.88 -5.72
C PRO A 15 3.29 6.97 -6.07
N ILE A 16 3.56 5.71 -6.28
CA ILE A 16 2.47 4.74 -6.64
C ILE A 16 1.89 4.10 -5.37
N PHE A 17 0.83 3.35 -5.50
CA PHE A 17 0.21 2.68 -4.31
C PHE A 17 0.12 1.16 -4.55
N ILE A 18 0.38 0.38 -3.53
CA ILE A 18 0.31 -1.10 -3.69
C ILE A 18 -0.46 -1.73 -2.51
N ARG A 19 -0.59 -3.03 -2.51
CA ARG A 19 -1.32 -3.73 -1.42
C ARG A 19 -0.63 -3.46 -0.06
N PRO A 20 -1.41 -2.98 0.88
CA PRO A 20 -0.88 -2.67 2.22
C PRO A 20 -0.55 -3.97 3.00
N ILE A 21 0.17 -3.83 4.07
CA ILE A 21 0.57 -5.03 4.88
C ILE A 21 -0.58 -5.47 5.80
N GLY A 22 -0.45 -6.65 6.37
CA GLY A 22 -1.51 -7.19 7.27
C GLY A 22 -2.27 -8.29 6.54
N CYS A 23 -2.91 -7.94 5.47
CA CYS A 23 -3.70 -8.96 4.69
C CYS A 23 -2.75 -10.00 4.07
N ASP A 24 -1.54 -9.62 3.75
CA ASP A 24 -0.57 -10.60 3.16
C ASP A 24 0.14 -11.39 4.27
N VAL A 25 -0.38 -11.35 5.48
CA VAL A 25 0.25 -12.10 6.61
C VAL A 25 -0.85 -12.75 7.45
N CYS A 26 -1.61 -13.63 6.85
CA CYS A 26 -2.72 -14.32 7.57
C CYS A 26 -2.26 -14.89 8.91
N TYR A 27 -0.98 -15.16 9.06
CA TYR A 27 -0.46 -15.70 10.34
C TYR A 27 0.29 -14.60 11.11
N GLY A 28 -0.07 -14.38 12.34
CA GLY A 28 0.63 -13.33 13.15
C GLY A 28 -0.33 -12.16 13.44
N ILE A 29 -1.28 -11.91 12.57
CA ILE A 29 -2.22 -10.78 12.81
C ILE A 29 -3.36 -11.21 13.73
N PRO A 30 -4.02 -10.24 14.30
CA PRO A 30 -5.14 -10.50 15.22
C PRO A 30 -6.39 -10.96 14.46
N SER A 31 -7.24 -11.71 15.13
CA SER A 31 -8.49 -12.23 14.47
C SER A 31 -9.33 -11.08 13.90
N SER A 32 -9.44 -9.99 14.62
CA SER A 32 -10.25 -8.83 14.13
C SER A 32 -9.66 -8.30 12.82
N THR A 33 -8.36 -8.12 12.76
CA THR A 33 -7.74 -7.62 11.49
C THR A 33 -7.87 -8.70 10.42
N ALA A 34 -7.67 -9.94 10.79
CA ALA A 34 -7.80 -11.06 9.81
C ALA A 34 -9.23 -11.11 9.27
N ARG A 35 -10.22 -10.90 10.11
CA ARG A 35 -11.64 -10.92 9.64
C ARG A 35 -11.86 -9.81 8.62
N LEU A 36 -11.35 -8.63 8.91
CA LEU A 36 -11.51 -7.48 7.96
C LEU A 36 -10.76 -7.77 6.65
N CYS A 37 -9.61 -8.41 6.75
CA CYS A 37 -8.82 -8.74 5.53
C CYS A 37 -9.59 -9.72 4.64
N CYS A 38 -10.38 -10.60 5.21
CA CYS A 38 -11.15 -11.57 4.39
C CYS A 38 -12.43 -10.91 3.86
N PHE A 39 -13.04 -10.07 4.67
CA PHE A 39 -14.30 -9.38 4.23
C PHE A 39 -14.03 -8.39 3.09
N ARG A 40 -12.91 -7.70 3.12
CA ARG A 40 -12.62 -6.71 2.05
C ARG A 40 -11.62 -7.26 1.02
N TYR A 41 -10.44 -7.64 1.44
CA TYR A 41 -9.43 -8.18 0.47
C TYR A 41 -9.77 -9.61 0.06
N GLY A 42 -10.23 -10.41 0.98
CA GLY A 42 -10.56 -11.83 0.64
C GLY A 42 -9.43 -12.77 1.08
N ASP A 43 -8.49 -12.29 1.87
CA ASP A 43 -7.36 -13.17 2.32
C ASP A 43 -7.54 -13.52 3.81
N CYS A 44 -6.95 -14.60 4.25
CA CYS A 44 -7.07 -15.02 5.68
C CYS A 44 -8.54 -15.31 6.01
N CYS A 45 -9.24 -15.98 5.12
CA CYS A 45 -10.67 -16.31 5.36
C CYS A 45 -10.79 -17.62 6.15
N HIS A 46 -10.25 -18.68 5.61
CA HIS A 46 -10.33 -20.00 6.33
C HIS A 46 -9.05 -20.24 7.14
N LEU A 47 -8.80 -19.42 8.12
CA LEU A 47 -7.57 -19.59 8.97
C LEU A 47 -7.85 -20.56 10.13
N HIS A 1 12.50 -5.90 4.08
CA HIS A 1 11.74 -6.67 3.05
C HIS A 1 10.32 -6.97 3.53
N SER A 2 9.39 -7.15 2.62
CA SER A 2 7.99 -7.46 3.03
C SER A 2 7.92 -8.83 3.71
N SER A 3 6.95 -9.04 4.56
CA SER A 3 6.84 -10.35 5.26
C SER A 3 5.63 -11.13 4.75
N GLY A 4 5.79 -12.40 4.49
CA GLY A 4 4.66 -13.24 3.99
C GLY A 4 3.69 -13.54 5.14
N TYR A 5 2.67 -12.73 5.31
CA TYR A 5 1.69 -12.96 6.41
C TYR A 5 0.88 -14.24 6.17
N THR A 6 0.44 -14.86 7.22
CA THR A 6 -0.36 -16.13 7.08
C THR A 6 -1.81 -15.79 6.72
N ARG A 7 -2.32 -16.39 5.67
CA ARG A 7 -3.73 -16.12 5.25
C ARG A 7 -4.71 -16.43 6.40
N PRO A 8 -5.37 -15.38 6.87
CA PRO A 8 -6.35 -15.53 7.98
C PRO A 8 -7.64 -16.21 7.48
N LEU A 9 -8.30 -16.95 8.34
CA LEU A 9 -9.56 -17.63 7.94
C LEU A 9 -10.73 -16.65 7.98
N ARG A 10 -11.87 -17.04 7.43
CA ARG A 10 -13.08 -16.16 7.42
C ARG A 10 -12.83 -14.92 6.55
N LYS A 11 -13.89 -14.27 6.12
CA LYS A 11 -13.74 -13.05 5.26
C LYS A 11 -12.90 -11.98 5.99
N PRO A 12 -12.17 -11.22 5.21
CA PRO A 12 -11.30 -10.15 5.77
C PRO A 12 -12.15 -8.95 6.24
N SER A 13 -11.54 -7.80 6.38
CA SER A 13 -12.30 -6.59 6.83
C SER A 13 -13.32 -6.16 5.77
N ARG A 14 -14.24 -5.30 6.14
CA ARG A 14 -15.27 -4.82 5.16
C ARG A 14 -14.60 -4.12 3.97
N PRO A 15 -15.28 -4.14 2.85
CA PRO A 15 -14.75 -3.51 1.61
C PRO A 15 -14.76 -1.98 1.72
N ILE A 16 -13.87 -1.32 1.04
CA ILE A 16 -13.80 0.16 1.08
C ILE A 16 -13.58 0.75 -0.31
N PHE A 17 -13.53 2.04 -0.42
CA PHE A 17 -13.31 2.69 -1.75
C PHE A 17 -11.91 2.34 -2.29
N ILE A 18 -11.62 2.73 -3.51
CA ILE A 18 -10.28 2.42 -4.10
C ILE A 18 -9.18 3.19 -3.37
N ARG A 19 -7.95 2.87 -3.65
CA ARG A 19 -6.81 3.56 -2.98
C ARG A 19 -6.53 4.90 -3.69
N PRO A 20 -6.00 5.84 -2.93
CA PRO A 20 -5.67 7.18 -3.47
C PRO A 20 -4.50 7.13 -4.46
N ILE A 21 -4.28 8.19 -5.17
CA ILE A 21 -3.17 8.23 -6.17
C ILE A 21 -1.83 8.55 -5.50
N GLY A 22 -0.75 8.34 -6.20
CA GLY A 22 0.60 8.61 -5.63
C GLY A 22 1.29 7.28 -5.30
N CYS A 23 0.69 6.52 -4.43
CA CYS A 23 1.29 5.19 -4.04
C CYS A 23 1.27 4.23 -5.24
N ASP A 24 0.32 4.37 -6.13
CA ASP A 24 0.26 3.46 -7.31
C ASP A 24 1.20 3.97 -8.42
N VAL A 25 2.05 4.92 -8.12
CA VAL A 25 2.99 5.46 -9.14
C VAL A 25 4.38 5.62 -8.49
N CYS A 26 4.96 4.53 -8.07
CA CYS A 26 6.31 4.56 -7.42
C CYS A 26 7.32 5.36 -8.24
N TYR A 27 7.11 5.51 -9.51
CA TYR A 27 8.06 6.28 -10.36
C TYR A 27 7.47 7.65 -10.72
N GLY A 28 8.20 8.71 -10.44
CA GLY A 28 7.70 10.07 -10.78
C GLY A 28 7.38 10.87 -9.50
N ILE A 29 7.11 10.20 -8.41
CA ILE A 29 6.79 10.96 -7.15
C ILE A 29 8.08 11.30 -6.38
N PRO A 30 7.94 12.28 -5.52
CA PRO A 30 9.09 12.74 -4.70
C PRO A 30 9.41 11.73 -3.58
N SER A 31 10.62 11.76 -3.07
CA SER A 31 11.02 10.82 -1.97
C SER A 31 10.12 11.00 -0.74
N SER A 32 9.79 12.21 -0.39
CA SER A 32 8.91 12.44 0.80
C SER A 32 7.57 11.74 0.59
N THR A 33 7.00 11.86 -0.57
CA THR A 33 5.70 11.17 -0.85
C THR A 33 5.94 9.66 -0.89
N ALA A 34 7.03 9.25 -1.51
CA ALA A 34 7.35 7.80 -1.58
C ALA A 34 7.57 7.24 -0.17
N ARG A 35 8.21 8.00 0.69
CA ARG A 35 8.44 7.53 2.09
C ARG A 35 7.09 7.30 2.78
N LEU A 36 6.17 8.22 2.63
CA LEU A 36 4.82 8.06 3.25
C LEU A 36 4.08 6.89 2.58
N CYS A 37 4.26 6.71 1.30
CA CYS A 37 3.59 5.59 0.58
C CYS A 37 4.16 4.25 1.05
N CYS A 38 5.44 4.20 1.29
CA CYS A 38 6.08 2.92 1.76
C CYS A 38 5.84 2.74 3.26
N PHE A 39 5.80 3.81 4.00
CA PHE A 39 5.59 3.73 5.48
C PHE A 39 4.15 3.32 5.81
N ARG A 40 3.18 3.86 5.12
CA ARG A 40 1.75 3.52 5.43
C ARG A 40 1.21 2.44 4.49
N TYR A 41 1.32 2.63 3.21
CA TYR A 41 0.77 1.62 2.24
C TYR A 41 1.76 0.46 2.05
N GLY A 42 3.03 0.75 2.02
CA GLY A 42 4.03 -0.33 1.82
C GLY A 42 4.46 -0.40 0.34
N ASP A 43 4.13 0.60 -0.45
CA ASP A 43 4.53 0.58 -1.89
C ASP A 43 5.67 1.57 -2.13
N CYS A 44 6.44 1.36 -3.16
CA CYS A 44 7.59 2.27 -3.49
C CYS A 44 8.61 2.22 -2.35
N CYS A 45 8.88 1.05 -1.83
CA CYS A 45 9.87 0.92 -0.72
C CYS A 45 11.27 0.70 -1.30
N HIS A 46 11.45 -0.38 -2.01
CA HIS A 46 12.80 -0.66 -2.62
C HIS A 46 12.85 -0.09 -4.04
N LEU A 47 13.01 1.20 -4.17
CA LEU A 47 13.07 1.83 -5.53
C LEU A 47 14.51 1.84 -6.05
N HIS A 1 -20.22 -35.21 14.31
CA HIS A 1 -20.76 -33.82 14.55
C HIS A 1 -20.77 -33.02 13.23
N SER A 2 -21.52 -31.94 13.19
CA SER A 2 -21.56 -31.12 11.94
C SER A 2 -20.31 -30.23 11.87
N SER A 3 -19.74 -30.08 10.70
CA SER A 3 -18.52 -29.23 10.55
C SER A 3 -18.80 -28.04 9.62
N GLY A 4 -18.57 -26.84 10.09
CA GLY A 4 -18.82 -25.64 9.23
C GLY A 4 -18.62 -24.36 10.07
N TYR A 5 -19.71 -23.76 10.51
CA TYR A 5 -19.62 -22.51 11.34
C TYR A 5 -19.03 -21.35 10.52
N THR A 6 -19.86 -20.46 10.06
CA THR A 6 -19.35 -19.30 9.25
C THR A 6 -18.56 -18.34 10.15
N ARG A 7 -17.25 -18.39 10.07
CA ARG A 7 -16.41 -17.49 10.92
C ARG A 7 -16.36 -16.07 10.32
N PRO A 8 -16.40 -15.09 11.18
CA PRO A 8 -16.35 -13.67 10.73
C PRO A 8 -14.94 -13.30 10.27
N LEU A 9 -14.84 -12.48 9.24
CA LEU A 9 -13.50 -12.06 8.73
C LEU A 9 -12.82 -11.11 9.73
N ARG A 10 -11.64 -11.45 10.18
CA ARG A 10 -10.91 -10.58 11.16
C ARG A 10 -9.47 -10.37 10.71
N LYS A 11 -8.95 -9.17 10.86
CA LYS A 11 -7.55 -8.89 10.45
C LYS A 11 -6.56 -9.53 11.44
N PRO A 12 -5.47 -10.03 10.89
CA PRO A 12 -4.42 -10.67 11.72
C PRO A 12 -3.56 -9.61 12.43
N SER A 13 -2.41 -9.99 12.92
CA SER A 13 -1.52 -9.01 13.60
C SER A 13 -0.16 -8.95 12.90
N ARG A 14 -0.17 -8.85 11.59
CA ARG A 14 1.11 -8.79 10.83
C ARG A 14 1.73 -7.39 10.92
N PRO A 15 3.02 -7.32 10.67
CA PRO A 15 3.74 -6.02 10.72
C PRO A 15 3.40 -5.15 9.51
N ILE A 16 3.80 -3.90 9.56
CA ILE A 16 3.50 -2.96 8.41
C ILE A 16 4.09 -3.51 7.11
N PHE A 17 3.43 -3.27 5.99
CA PHE A 17 3.95 -3.78 4.69
C PHE A 17 5.18 -2.97 4.25
N ILE A 18 5.94 -3.51 3.33
CA ILE A 18 7.17 -2.80 2.84
C ILE A 18 6.78 -1.69 1.86
N ARG A 19 7.76 -1.07 1.24
CA ARG A 19 7.48 0.04 0.27
C ARG A 19 6.45 -0.43 -0.78
N PRO A 20 5.32 0.24 -0.78
CA PRO A 20 4.23 -0.08 -1.72
C PRO A 20 4.56 0.37 -3.15
N ILE A 21 3.77 -0.05 -4.09
CA ILE A 21 4.01 0.32 -5.52
C ILE A 21 3.53 1.77 -5.80
N GLY A 22 3.92 2.30 -6.92
CA GLY A 22 3.51 3.69 -7.28
C GLY A 22 4.73 4.61 -7.17
N CYS A 23 5.30 4.68 -6.00
CA CYS A 23 6.51 5.54 -5.79
C CYS A 23 7.76 4.86 -6.40
N ASP A 24 7.67 3.58 -6.67
CA ASP A 24 8.84 2.85 -7.24
C ASP A 24 9.02 3.14 -8.75
N VAL A 25 8.13 3.90 -9.35
CA VAL A 25 8.26 4.20 -10.80
C VAL A 25 7.78 5.63 -11.06
N CYS A 26 8.59 6.60 -10.68
CA CYS A 26 8.24 8.04 -10.88
C CYS A 26 7.76 8.29 -12.32
N TYR A 27 8.20 7.49 -13.26
CA TYR A 27 7.77 7.70 -14.67
C TYR A 27 6.79 6.59 -15.08
N GLY A 28 5.66 6.96 -15.62
CA GLY A 28 4.65 5.94 -16.04
C GLY A 28 3.40 6.06 -15.16
N ILE A 29 3.54 6.50 -13.94
CA ILE A 29 2.34 6.61 -13.04
C ILE A 29 1.57 7.90 -13.35
N PRO A 30 0.34 7.93 -12.90
CA PRO A 30 -0.53 9.11 -13.11
C PRO A 30 -0.10 10.29 -12.22
N SER A 31 -0.42 11.49 -12.63
CA SER A 31 -0.03 12.70 -11.83
C SER A 31 -0.61 12.64 -10.42
N SER A 32 -1.82 12.17 -10.26
CA SER A 32 -2.42 12.09 -8.89
C SER A 32 -1.58 11.16 -8.03
N THR A 33 -1.21 10.00 -8.54
CA THR A 33 -0.36 9.07 -7.74
C THR A 33 1.03 9.70 -7.55
N ALA A 34 1.54 10.32 -8.59
CA ALA A 34 2.88 10.97 -8.49
C ALA A 34 2.83 12.12 -7.46
N ARG A 35 1.74 12.83 -7.40
CA ARG A 35 1.63 13.94 -6.41
C ARG A 35 1.67 13.36 -4.99
N LEU A 36 0.95 12.31 -4.76
CA LEU A 36 0.94 11.67 -3.40
C LEU A 36 2.32 11.07 -3.09
N CYS A 37 2.97 10.51 -4.09
CA CYS A 37 4.32 9.92 -3.87
C CYS A 37 5.34 11.02 -3.52
N CYS A 38 5.15 12.22 -4.01
CA CYS A 38 6.10 13.32 -3.70
C CYS A 38 5.67 14.03 -2.41
N PHE A 39 4.39 14.16 -2.20
CA PHE A 39 3.88 14.85 -0.98
C PHE A 39 4.10 13.98 0.28
N ARG A 40 3.93 12.69 0.17
CA ARG A 40 4.10 11.81 1.36
C ARG A 40 5.47 11.12 1.36
N TYR A 41 5.81 10.42 0.32
CA TYR A 41 7.13 9.72 0.28
C TYR A 41 8.26 10.69 -0.06
N GLY A 42 8.01 11.63 -0.94
CA GLY A 42 9.06 12.61 -1.32
C GLY A 42 9.73 12.21 -2.65
N ASP A 43 9.17 11.26 -3.36
CA ASP A 43 9.77 10.85 -4.66
C ASP A 43 8.90 11.32 -5.83
N CYS A 44 9.47 11.39 -7.01
CA CYS A 44 8.72 11.86 -8.22
C CYS A 44 8.27 13.32 -8.02
N CYS A 45 9.14 14.13 -7.47
CA CYS A 45 8.78 15.57 -7.23
C CYS A 45 9.19 16.41 -8.44
N HIS A 46 10.46 16.43 -8.76
CA HIS A 46 10.94 17.22 -9.93
C HIS A 46 10.92 16.35 -11.20
N LEU A 47 9.75 16.04 -11.69
CA LEU A 47 9.64 15.20 -12.92
C LEU A 47 9.44 16.08 -14.16
N HIS A 1 -21.93 -13.44 11.40
CA HIS A 1 -21.95 -12.71 10.09
C HIS A 1 -20.93 -11.57 10.10
N SER A 2 -20.35 -11.26 8.96
CA SER A 2 -19.34 -10.16 8.90
C SER A 2 -19.53 -9.33 7.63
N SER A 3 -19.24 -8.05 7.69
CA SER A 3 -19.40 -7.18 6.49
C SER A 3 -18.14 -6.32 6.29
N GLY A 4 -17.21 -6.80 5.50
CA GLY A 4 -15.96 -6.05 5.25
C GLY A 4 -14.79 -7.02 5.04
N TYR A 5 -13.58 -6.59 5.28
CA TYR A 5 -12.40 -7.49 5.08
C TYR A 5 -11.94 -8.06 6.43
N THR A 6 -11.35 -9.23 6.40
CA THR A 6 -10.87 -9.87 7.67
C THR A 6 -9.36 -10.10 7.60
N ARG A 7 -8.66 -9.79 8.67
CA ARG A 7 -7.18 -9.98 8.68
C ARG A 7 -6.84 -11.46 8.96
N PRO A 8 -5.75 -11.91 8.40
CA PRO A 8 -5.32 -13.32 8.59
C PRO A 8 -4.80 -13.53 10.02
N LEU A 9 -4.75 -14.77 10.47
CA LEU A 9 -4.25 -15.06 11.84
C LEU A 9 -2.77 -14.70 11.97
N ARG A 10 -2.34 -14.28 13.13
CA ARG A 10 -0.91 -13.91 13.33
C ARG A 10 -0.01 -15.14 13.11
N LYS A 11 0.71 -15.17 12.02
CA LYS A 11 1.60 -16.32 11.73
C LYS A 11 3.01 -15.84 11.34
N PRO A 12 4.01 -16.52 11.83
CA PRO A 12 5.42 -16.15 11.52
C PRO A 12 5.76 -16.55 10.07
N SER A 13 7.04 -16.63 9.76
CA SER A 13 7.47 -17.01 8.38
C SER A 13 6.77 -16.12 7.33
N ARG A 14 6.86 -14.83 7.50
CA ARG A 14 6.20 -13.89 6.54
C ARG A 14 7.15 -13.55 5.38
N PRO A 15 6.57 -13.00 4.33
CA PRO A 15 7.37 -12.62 3.14
C PRO A 15 8.21 -11.36 3.41
N ILE A 16 8.94 -10.92 2.42
CA ILE A 16 9.80 -9.70 2.58
C ILE A 16 8.95 -8.46 2.89
N PHE A 17 9.59 -7.34 3.12
CA PHE A 17 8.84 -6.09 3.44
C PHE A 17 7.85 -5.74 2.32
N ILE A 18 6.79 -5.05 2.66
CA ILE A 18 5.76 -4.67 1.63
C ILE A 18 6.10 -3.31 1.01
N ARG A 19 5.22 -2.79 0.21
CA ARG A 19 5.45 -1.46 -0.45
C ARG A 19 5.84 -0.40 0.60
N PRO A 20 6.70 0.50 0.18
CA PRO A 20 7.20 1.58 1.07
C PRO A 20 6.09 2.61 1.39
N ILE A 21 6.39 3.52 2.28
CA ILE A 21 5.41 4.57 2.69
C ILE A 21 5.31 5.68 1.62
N GLY A 22 4.32 6.52 1.76
CA GLY A 22 4.13 7.63 0.78
C GLY A 22 2.98 7.26 -0.17
N CYS A 23 3.16 6.19 -0.91
CA CYS A 23 2.09 5.72 -1.84
C CYS A 23 0.87 5.22 -1.05
N ASP A 24 1.09 4.69 0.13
CA ASP A 24 -0.05 4.19 0.96
C ASP A 24 -0.69 5.36 1.74
N VAL A 25 -0.37 6.58 1.41
CA VAL A 25 -0.95 7.76 2.12
C VAL A 25 -1.28 8.85 1.10
N CYS A 26 -2.20 8.58 0.21
CA CYS A 26 -2.60 9.58 -0.83
C CYS A 26 -2.90 10.94 -0.21
N TYR A 27 -3.25 10.98 1.06
CA TYR A 27 -3.55 12.28 1.72
C TYR A 27 -2.40 12.68 2.65
N GLY A 28 -1.89 13.87 2.48
CA GLY A 28 -0.76 14.33 3.34
C GLY A 28 0.52 14.48 2.51
N ILE A 29 0.67 13.70 1.47
CA ILE A 29 1.90 13.81 0.63
C ILE A 29 1.76 14.94 -0.39
N PRO A 30 2.88 15.34 -0.93
CA PRO A 30 2.90 16.43 -1.93
C PRO A 30 2.36 15.95 -3.29
N SER A 31 1.85 16.86 -4.07
CA SER A 31 1.29 16.51 -5.42
C SER A 31 2.34 15.81 -6.30
N SER A 32 3.57 16.26 -6.24
CA SER A 32 4.63 15.61 -7.08
C SER A 32 4.83 14.16 -6.64
N THR A 33 4.91 13.91 -5.36
CA THR A 33 5.08 12.50 -4.89
C THR A 33 3.83 11.69 -5.25
N ALA A 34 2.68 12.28 -5.07
CA ALA A 34 1.41 11.56 -5.41
C ALA A 34 1.37 11.22 -6.91
N ARG A 35 1.86 12.10 -7.74
CA ARG A 35 1.87 11.81 -9.22
C ARG A 35 2.77 10.60 -9.49
N LEU A 36 3.94 10.58 -8.90
CA LEU A 36 4.87 9.43 -9.12
C LEU A 36 4.26 8.15 -8.54
N CYS A 37 3.59 8.25 -7.42
CA CYS A 37 2.96 7.06 -6.79
C CYS A 37 1.87 6.47 -7.72
N CYS A 38 1.23 7.30 -8.50
CA CYS A 38 0.18 6.80 -9.43
C CYS A 38 0.83 6.27 -10.72
N PHE A 39 1.86 6.93 -11.17
CA PHE A 39 2.55 6.50 -12.42
C PHE A 39 3.29 5.17 -12.23
N ARG A 40 3.88 4.97 -11.07
CA ARG A 40 4.64 3.69 -10.84
C ARG A 40 3.81 2.69 -10.03
N TYR A 41 3.41 3.04 -8.84
CA TYR A 41 2.61 2.08 -8.01
C TYR A 41 1.15 2.00 -8.49
N GLY A 42 0.58 3.10 -8.87
CA GLY A 42 -0.83 3.10 -9.35
C GLY A 42 -1.78 3.60 -8.25
N ASP A 43 -1.26 4.17 -7.18
CA ASP A 43 -2.15 4.68 -6.09
C ASP A 43 -2.19 6.20 -6.09
N CYS A 44 -3.20 6.79 -5.51
CA CYS A 44 -3.34 8.28 -5.47
C CYS A 44 -3.46 8.82 -6.91
N CYS A 45 -4.23 8.14 -7.72
CA CYS A 45 -4.41 8.60 -9.15
C CYS A 45 -5.59 9.57 -9.24
N HIS A 46 -6.77 9.12 -8.89
CA HIS A 46 -7.97 10.01 -8.96
C HIS A 46 -8.16 10.75 -7.63
N LEU A 47 -7.37 11.76 -7.38
CA LEU A 47 -7.48 12.53 -6.11
C LEU A 47 -8.20 13.86 -6.36
N HIS A 1 -11.47 -20.57 13.18
CA HIS A 1 -10.19 -19.85 12.92
C HIS A 1 -9.35 -19.81 14.21
N SER A 2 -8.06 -19.97 14.09
CA SER A 2 -7.18 -19.94 15.31
C SER A 2 -6.22 -18.75 15.24
N SER A 3 -6.09 -18.01 16.31
CA SER A 3 -5.18 -16.82 16.33
C SER A 3 -5.54 -15.84 15.21
N GLY A 4 -6.61 -15.10 15.39
CA GLY A 4 -7.04 -14.11 14.35
C GLY A 4 -6.21 -12.84 14.48
N TYR A 5 -4.97 -12.87 14.05
CA TYR A 5 -4.10 -11.67 14.14
C TYR A 5 -4.49 -10.64 13.06
N THR A 6 -4.31 -9.37 13.34
CA THR A 6 -4.65 -8.32 12.33
C THR A 6 -3.43 -7.97 11.48
N ARG A 7 -3.25 -8.68 10.38
CA ARG A 7 -2.08 -8.41 9.50
C ARG A 7 -2.35 -8.93 8.08
N PRO A 8 -2.12 -8.08 7.09
CA PRO A 8 -2.34 -8.48 5.68
C PRO A 8 -1.21 -9.39 5.20
N LEU A 9 -1.54 -10.45 4.52
CA LEU A 9 -0.49 -11.39 4.01
C LEU A 9 0.04 -10.91 2.65
N ARG A 10 1.25 -11.25 2.31
CA ARG A 10 1.84 -10.83 0.99
C ARG A 10 0.98 -11.35 -0.17
N LYS A 11 0.78 -10.54 -1.18
CA LYS A 11 -0.04 -10.96 -2.37
C LYS A 11 -1.39 -11.53 -1.91
N PRO A 12 -2.23 -10.66 -1.40
CA PRO A 12 -3.58 -11.09 -0.92
C PRO A 12 -4.54 -11.26 -2.10
N SER A 13 -5.80 -11.40 -1.82
CA SER A 13 -6.82 -11.57 -2.91
C SER A 13 -7.82 -10.42 -2.89
N ARG A 14 -7.36 -9.20 -2.98
CA ARG A 14 -8.28 -8.03 -2.96
C ARG A 14 -8.73 -7.69 -4.39
N PRO A 15 -10.03 -7.75 -4.60
CA PRO A 15 -10.60 -7.45 -5.95
C PRO A 15 -10.58 -5.94 -6.22
N ILE A 16 -10.94 -5.55 -7.42
CA ILE A 16 -10.95 -4.08 -7.78
C ILE A 16 -11.71 -3.27 -6.72
N PHE A 17 -11.15 -2.17 -6.29
CA PHE A 17 -11.82 -1.33 -5.25
C PHE A 17 -11.49 0.15 -5.46
N ILE A 18 -12.07 1.01 -4.66
CA ILE A 18 -11.79 2.47 -4.80
C ILE A 18 -10.36 2.78 -4.35
N ARG A 19 -9.93 4.01 -4.53
CA ARG A 19 -8.54 4.42 -4.14
C ARG A 19 -8.24 4.02 -2.69
N PRO A 20 -7.32 3.10 -2.55
CA PRO A 20 -6.91 2.60 -1.20
C PRO A 20 -6.07 3.64 -0.46
N ILE A 21 -5.78 3.39 0.79
CA ILE A 21 -4.97 4.35 1.61
C ILE A 21 -3.48 4.17 1.33
N GLY A 22 -2.67 5.10 1.80
CA GLY A 22 -1.20 5.02 1.58
C GLY A 22 -0.78 6.05 0.53
N CYS A 23 -1.37 5.97 -0.63
CA CYS A 23 -1.06 6.94 -1.72
C CYS A 23 -1.78 8.27 -1.49
N ASP A 24 -2.73 8.30 -0.59
CA ASP A 24 -3.49 9.56 -0.33
C ASP A 24 -2.72 10.50 0.60
N VAL A 25 -1.55 10.11 1.05
CA VAL A 25 -0.76 10.98 1.96
C VAL A 25 0.73 10.86 1.64
N CYS A 26 1.15 11.42 0.53
CA CYS A 26 2.59 11.36 0.12
C CYS A 26 3.50 11.78 1.27
N TYR A 27 3.01 12.57 2.19
CA TYR A 27 3.86 13.02 3.33
C TYR A 27 3.43 12.31 4.62
N GLY A 28 4.36 11.69 5.30
CA GLY A 28 4.02 10.98 6.56
C GLY A 28 4.19 9.47 6.39
N ILE A 29 4.04 8.97 5.19
CA ILE A 29 4.18 7.50 4.98
C ILE A 29 5.67 7.11 4.88
N PRO A 30 5.92 5.84 5.06
CA PRO A 30 7.31 5.32 5.00
C PRO A 30 7.83 5.30 3.55
N SER A 31 9.14 5.35 3.39
CA SER A 31 9.73 5.35 2.01
C SER A 31 9.32 4.09 1.24
N SER A 32 9.27 2.96 1.89
CA SER A 32 8.87 1.69 1.19
C SER A 32 7.45 1.85 0.63
N THR A 33 6.53 2.33 1.43
CA THR A 33 5.14 2.54 0.93
C THR A 33 5.14 3.66 -0.12
N ALA A 34 5.89 4.70 0.13
CA ALA A 34 5.95 5.83 -0.84
C ALA A 34 6.54 5.34 -2.17
N ARG A 35 7.52 4.46 -2.13
CA ARG A 35 8.11 3.95 -3.40
C ARG A 35 7.06 3.15 -4.17
N LEU A 36 6.31 2.33 -3.47
CA LEU A 36 5.25 1.52 -4.15
C LEU A 36 4.14 2.44 -4.67
N CYS A 37 3.80 3.46 -3.91
CA CYS A 37 2.74 4.41 -4.36
C CYS A 37 3.20 5.16 -5.62
N CYS A 38 4.48 5.35 -5.78
CA CYS A 38 5.00 6.05 -6.99
C CYS A 38 5.23 5.04 -8.13
N PHE A 39 5.69 3.86 -7.78
CA PHE A 39 5.95 2.82 -8.81
C PHE A 39 4.65 2.25 -9.38
N ARG A 40 3.65 2.05 -8.56
CA ARG A 40 2.37 1.47 -9.06
C ARG A 40 1.33 2.56 -9.33
N TYR A 41 1.06 3.41 -8.37
CA TYR A 41 0.02 4.47 -8.59
C TYR A 41 0.62 5.67 -9.33
N GLY A 42 1.84 6.03 -9.02
CA GLY A 42 2.47 7.19 -9.71
C GLY A 42 2.43 8.44 -8.81
N ASP A 43 2.09 8.30 -7.55
CA ASP A 43 2.04 9.47 -6.64
C ASP A 43 3.20 9.43 -5.63
N CYS A 44 3.53 10.54 -5.03
CA CYS A 44 4.66 10.60 -4.05
C CYS A 44 5.98 10.23 -4.76
N CYS A 45 6.16 10.69 -5.97
CA CYS A 45 7.41 10.38 -6.72
C CYS A 45 8.47 11.44 -6.46
N HIS A 46 8.20 12.66 -6.82
CA HIS A 46 9.18 13.76 -6.59
C HIS A 46 8.91 14.45 -5.26
N LEU A 47 9.07 13.73 -4.17
CA LEU A 47 8.81 14.32 -2.81
C LEU A 47 10.00 15.18 -2.37
N HIS A 1 2.83 -12.14 19.48
CA HIS A 1 3.60 -13.41 19.66
C HIS A 1 2.69 -14.63 19.40
N SER A 2 3.27 -15.76 19.08
CA SER A 2 2.47 -17.00 18.80
C SER A 2 1.53 -16.80 17.61
N SER A 3 0.88 -17.85 17.18
CA SER A 3 -0.05 -17.74 16.02
C SER A 3 -1.12 -18.84 16.08
N GLY A 4 -2.27 -18.60 15.51
CA GLY A 4 -3.36 -19.63 15.53
C GLY A 4 -4.65 -19.03 14.98
N TYR A 5 -5.77 -19.30 15.64
CA TYR A 5 -7.09 -18.75 15.18
C TYR A 5 -7.35 -19.13 13.71
N THR A 6 -7.75 -20.35 13.47
CA THR A 6 -8.03 -20.80 12.07
C THR A 6 -9.46 -20.42 11.67
N ARG A 7 -9.68 -19.16 11.35
CA ARG A 7 -11.05 -18.72 10.94
C ARG A 7 -10.97 -17.52 9.99
N PRO A 8 -10.53 -17.80 8.78
CA PRO A 8 -10.40 -16.73 7.75
C PRO A 8 -11.77 -16.33 7.20
N LEU A 9 -12.04 -15.05 7.13
CA LEU A 9 -13.37 -14.59 6.61
C LEU A 9 -13.39 -14.66 5.08
N ARG A 10 -13.90 -15.75 4.53
CA ARG A 10 -13.96 -15.89 3.04
C ARG A 10 -15.04 -14.97 2.47
N LYS A 11 -14.65 -13.96 1.74
CA LYS A 11 -15.65 -13.02 1.15
C LYS A 11 -15.19 -12.56 -0.24
N PRO A 12 -16.06 -12.74 -1.21
CA PRO A 12 -15.75 -12.34 -2.60
C PRO A 12 -15.85 -10.80 -2.74
N SER A 13 -15.76 -10.31 -3.95
CA SER A 13 -15.84 -8.83 -4.18
C SER A 13 -14.84 -8.09 -3.28
N ARG A 14 -13.60 -8.50 -3.31
CA ARG A 14 -12.56 -7.84 -2.45
C ARG A 14 -12.20 -6.46 -3.00
N PRO A 15 -11.73 -5.60 -2.11
CA PRO A 15 -11.34 -4.23 -2.51
C PRO A 15 -10.02 -4.23 -3.29
N ILE A 16 -9.52 -3.07 -3.62
CA ILE A 16 -8.24 -2.97 -4.38
C ILE A 16 -7.10 -3.69 -3.65
N PHE A 17 -5.98 -3.90 -4.30
CA PHE A 17 -4.83 -4.61 -3.66
C PHE A 17 -4.40 -3.90 -2.36
N ILE A 18 -3.77 -4.64 -1.48
CA ILE A 18 -3.32 -4.03 -0.19
C ILE A 18 -1.91 -3.43 -0.34
N ARG A 19 -1.79 -2.44 -1.18
CA ARG A 19 -0.46 -1.79 -1.40
C ARG A 19 0.10 -1.24 -0.08
N PRO A 20 1.42 -1.17 -0.01
CA PRO A 20 2.10 -0.68 1.21
C PRO A 20 1.88 0.83 1.39
N ILE A 21 2.17 1.32 2.57
CA ILE A 21 1.99 2.77 2.87
C ILE A 21 3.12 3.61 2.29
N GLY A 22 2.95 4.92 2.28
CA GLY A 22 4.00 5.82 1.73
C GLY A 22 3.57 6.31 0.35
N CYS A 23 3.40 5.40 -0.57
CA CYS A 23 2.98 5.77 -1.96
C CYS A 23 1.56 6.36 -1.96
N ASP A 24 0.72 5.93 -1.06
CA ASP A 24 -0.67 6.48 -1.02
C ASP A 24 -0.72 7.79 -0.21
N VAL A 25 0.42 8.36 0.09
CA VAL A 25 0.47 9.64 0.86
C VAL A 25 1.49 10.58 0.23
N CYS A 26 1.27 10.96 -1.00
CA CYS A 26 2.20 11.88 -1.72
C CYS A 26 2.54 13.11 -0.86
N TYR A 27 1.65 13.47 0.05
CA TYR A 27 1.91 14.65 0.92
C TYR A 27 2.30 14.20 2.32
N GLY A 28 3.43 14.65 2.81
CA GLY A 28 3.88 14.25 4.18
C GLY A 28 5.15 13.40 4.09
N ILE A 29 5.33 12.66 3.01
CA ILE A 29 6.55 11.82 2.88
C ILE A 29 7.73 12.65 2.34
N PRO A 30 8.91 12.12 2.54
CA PRO A 30 10.14 12.81 2.06
C PRO A 30 10.28 12.70 0.54
N SER A 31 10.98 13.63 -0.06
CA SER A 31 11.16 13.63 -1.55
C SER A 31 11.83 12.33 -2.02
N SER A 32 12.78 11.83 -1.28
CA SER A 32 13.47 10.57 -1.69
C SER A 32 12.46 9.42 -1.72
N THR A 33 11.64 9.30 -0.71
CA THR A 33 10.61 8.21 -0.71
C THR A 33 9.59 8.50 -1.81
N ALA A 34 9.20 9.75 -1.95
CA ALA A 34 8.22 10.11 -3.01
C ALA A 34 8.80 9.81 -4.40
N ARG A 35 10.07 10.08 -4.61
CA ARG A 35 10.69 9.79 -5.93
C ARG A 35 10.64 8.28 -6.20
N LEU A 36 10.94 7.48 -5.21
CA LEU A 36 10.88 5.99 -5.38
C LEU A 36 9.44 5.55 -5.67
N CYS A 37 8.50 6.15 -4.99
CA CYS A 37 7.06 5.80 -5.19
C CYS A 37 6.63 6.12 -6.64
N CYS A 38 7.21 7.13 -7.24
CA CYS A 38 6.83 7.48 -8.64
C CYS A 38 7.60 6.59 -9.63
N PHE A 39 8.84 6.30 -9.34
CA PHE A 39 9.66 5.44 -10.24
C PHE A 39 9.15 3.98 -10.25
N ARG A 40 8.69 3.50 -9.13
CA ARG A 40 8.21 2.08 -9.07
C ARG A 40 6.68 2.00 -9.12
N TYR A 41 5.99 2.63 -8.21
CA TYR A 41 4.50 2.56 -8.22
C TYR A 41 3.91 3.53 -9.25
N GLY A 42 4.48 4.68 -9.39
CA GLY A 42 3.95 5.67 -10.38
C GLY A 42 3.11 6.75 -9.67
N ASP A 43 3.16 6.82 -8.36
CA ASP A 43 2.37 7.86 -7.64
C ASP A 43 3.30 8.93 -7.06
N CYS A 44 2.77 10.10 -6.79
CA CYS A 44 3.61 11.22 -6.24
C CYS A 44 4.70 11.59 -7.25
N CYS A 45 4.34 11.67 -8.52
CA CYS A 45 5.33 12.03 -9.57
C CYS A 45 5.41 13.54 -9.72
N HIS A 46 4.31 14.17 -10.03
CA HIS A 46 4.31 15.66 -10.19
C HIS A 46 3.28 16.30 -9.26
N LEU A 47 3.75 16.98 -8.24
CA LEU A 47 2.81 17.64 -7.28
C LEU A 47 2.46 19.05 -7.76
N HIS A 1 -10.39 -7.82 25.31
CA HIS A 1 -9.54 -8.91 25.88
C HIS A 1 -8.42 -9.29 24.90
N SER A 2 -7.45 -10.03 25.37
CA SER A 2 -6.31 -10.45 24.49
C SER A 2 -5.51 -9.23 24.00
N SER A 3 -4.46 -9.46 23.26
CA SER A 3 -3.63 -8.32 22.76
C SER A 3 -2.86 -8.75 21.50
N GLY A 4 -2.93 -7.97 20.45
CA GLY A 4 -2.20 -8.32 19.19
C GLY A 4 -3.18 -8.34 18.02
N TYR A 5 -2.68 -8.60 16.83
CA TYR A 5 -3.58 -8.64 15.63
C TYR A 5 -3.15 -9.78 14.69
N THR A 6 -4.09 -10.60 14.29
CA THR A 6 -3.75 -11.74 13.39
C THR A 6 -4.92 -12.01 12.42
N ARG A 7 -4.62 -12.48 11.24
CA ARG A 7 -5.71 -12.77 10.25
C ARG A 7 -5.37 -14.03 9.44
N PRO A 8 -6.40 -14.70 8.97
CA PRO A 8 -6.21 -15.94 8.17
C PRO A 8 -5.70 -15.60 6.76
N LEU A 9 -4.92 -16.47 6.17
CA LEU A 9 -4.39 -16.22 4.80
C LEU A 9 -5.45 -16.60 3.75
N ARG A 10 -6.27 -15.65 3.36
CA ARG A 10 -7.32 -15.94 2.34
C ARG A 10 -7.80 -14.64 1.68
N LYS A 11 -8.50 -14.75 0.58
CA LYS A 11 -9.00 -13.53 -0.12
C LYS A 11 -9.88 -12.70 0.82
N PRO A 12 -9.41 -11.51 1.13
CA PRO A 12 -10.16 -10.59 2.03
C PRO A 12 -11.34 -9.95 1.30
N SER A 13 -11.85 -8.85 1.80
CA SER A 13 -13.00 -8.17 1.15
C SER A 13 -12.61 -7.63 -0.23
N ARG A 14 -13.57 -7.12 -0.98
CA ARG A 14 -13.27 -6.58 -2.35
C ARG A 14 -12.18 -5.49 -2.29
N PRO A 15 -11.62 -5.20 -3.43
CA PRO A 15 -10.54 -4.17 -3.51
C PRO A 15 -11.10 -2.76 -3.26
N ILE A 16 -10.25 -1.85 -2.88
CA ILE A 16 -10.69 -0.45 -2.60
C ILE A 16 -10.92 0.33 -3.91
N PHE A 17 -11.12 1.61 -3.80
CA PHE A 17 -11.36 2.47 -5.01
C PHE A 17 -10.10 2.50 -5.91
N ILE A 18 -10.15 3.28 -6.96
CA ILE A 18 -8.99 3.38 -7.90
C ILE A 18 -7.70 3.74 -7.16
N ARG A 19 -6.58 3.56 -7.82
CA ARG A 19 -5.26 3.87 -7.19
C ARG A 19 -5.27 5.24 -6.49
N PRO A 20 -4.93 5.22 -5.23
CA PRO A 20 -4.87 6.46 -4.42
C PRO A 20 -3.68 7.32 -4.82
N ILE A 21 -3.66 8.56 -4.39
CA ILE A 21 -2.56 9.48 -4.75
C ILE A 21 -1.34 9.30 -3.82
N GLY A 22 -0.21 9.83 -4.21
CA GLY A 22 1.01 9.71 -3.36
C GLY A 22 1.98 8.71 -4.01
N CYS A 23 1.56 7.48 -4.14
CA CYS A 23 2.44 6.43 -4.74
C CYS A 23 2.67 6.70 -6.24
N ASP A 24 1.71 7.30 -6.90
CA ASP A 24 1.89 7.60 -8.36
C ASP A 24 2.64 8.93 -8.55
N VAL A 25 3.23 9.45 -7.50
CA VAL A 25 3.99 10.73 -7.61
C VAL A 25 5.29 10.62 -6.80
N CYS A 26 6.16 9.72 -7.21
CA CYS A 26 7.46 9.52 -6.49
C CYS A 26 8.19 10.86 -6.25
N TYR A 27 7.90 11.86 -7.05
CA TYR A 27 8.56 13.18 -6.85
C TYR A 27 7.59 14.17 -6.20
N GLY A 28 8.02 14.81 -5.14
CA GLY A 28 7.14 15.79 -4.44
C GLY A 28 6.72 15.25 -3.06
N ILE A 29 6.65 13.95 -2.91
CA ILE A 29 6.26 13.39 -1.59
C ILE A 29 7.47 13.22 -0.67
N PRO A 30 7.21 13.08 0.59
CA PRO A 30 8.29 12.90 1.60
C PRO A 30 8.89 11.50 1.53
N SER A 31 10.12 11.35 1.95
CA SER A 31 10.80 10.02 1.90
C SER A 31 10.02 8.98 2.72
N SER A 32 9.49 9.36 3.86
CA SER A 32 8.72 8.38 4.69
C SER A 32 7.52 7.87 3.91
N THR A 33 6.81 8.75 3.25
CA THR A 33 5.63 8.30 2.43
C THR A 33 6.15 7.49 1.24
N ALA A 34 7.22 7.96 0.63
CA ALA A 34 7.80 7.22 -0.53
C ALA A 34 8.28 5.83 -0.10
N ARG A 35 8.83 5.71 1.09
CA ARG A 35 9.31 4.38 1.58
C ARG A 35 8.10 3.44 1.72
N LEU A 36 7.03 3.93 2.30
CA LEU A 36 5.80 3.08 2.46
C LEU A 36 5.24 2.72 1.09
N CYS A 37 5.27 3.64 0.17
CA CYS A 37 4.75 3.38 -1.21
C CYS A 37 5.55 2.25 -1.88
N CYS A 38 6.82 2.15 -1.58
CA CYS A 38 7.66 1.08 -2.19
C CYS A 38 7.44 -0.24 -1.45
N PHE A 39 7.30 -0.18 -0.15
CA PHE A 39 7.09 -1.43 0.66
C PHE A 39 5.73 -2.05 0.37
N ARG A 40 4.71 -1.25 0.17
CA ARG A 40 3.35 -1.81 -0.09
C ARG A 40 3.02 -1.82 -1.59
N TYR A 41 3.00 -0.68 -2.22
CA TYR A 41 2.67 -0.63 -3.68
C TYR A 41 3.85 -1.09 -4.53
N GLY A 42 5.04 -0.71 -4.17
CA GLY A 42 6.24 -1.11 -4.97
C GLY A 42 6.71 0.05 -5.85
N ASP A 43 6.21 1.24 -5.65
CA ASP A 43 6.64 2.41 -6.49
C ASP A 43 7.54 3.34 -5.67
N CYS A 44 8.35 4.13 -6.34
CA CYS A 44 9.27 5.08 -5.64
C CYS A 44 10.27 4.29 -4.78
N CYS A 45 10.76 3.19 -5.30
CA CYS A 45 11.73 2.36 -4.55
C CYS A 45 13.15 2.88 -4.75
N HIS A 46 13.61 2.93 -5.98
CA HIS A 46 14.98 3.43 -6.25
C HIS A 46 14.98 4.96 -6.33
N LEU A 47 15.16 5.61 -5.22
CA LEU A 47 15.16 7.11 -5.21
C LEU A 47 16.55 7.65 -4.83
N HIS A 1 6.03 19.33 -16.86
CA HIS A 1 7.36 18.66 -16.89
C HIS A 1 8.11 18.92 -15.57
N SER A 2 8.93 17.98 -15.15
CA SER A 2 9.69 18.16 -13.88
C SER A 2 10.95 19.00 -14.15
N SER A 3 10.76 20.26 -14.43
CA SER A 3 11.93 21.16 -14.71
C SER A 3 12.63 21.53 -13.40
N GLY A 4 13.93 21.38 -13.35
CA GLY A 4 14.68 21.71 -12.10
C GLY A 4 15.07 20.42 -11.38
N TYR A 5 14.13 19.52 -11.19
CA TYR A 5 14.45 18.24 -10.51
C TYR A 5 13.43 17.16 -10.89
N THR A 6 13.89 15.97 -11.19
CA THR A 6 12.96 14.87 -11.57
C THR A 6 12.66 14.00 -10.35
N ARG A 7 11.48 14.11 -9.79
CA ARG A 7 11.13 13.29 -8.59
C ARG A 7 11.17 11.78 -8.94
N PRO A 8 12.07 11.07 -8.29
CA PRO A 8 12.22 9.62 -8.54
C PRO A 8 11.11 8.83 -7.85
N LEU A 9 11.02 7.54 -8.16
CA LEU A 9 9.98 6.65 -7.56
C LEU A 9 8.57 7.06 -7.99
N ARG A 10 7.91 6.20 -8.75
CA ARG A 10 6.52 6.52 -9.21
C ARG A 10 5.59 6.59 -7.99
N LYS A 11 5.19 7.78 -7.61
CA LYS A 11 4.29 7.96 -6.43
C LYS A 11 5.02 7.52 -5.15
N PRO A 12 5.78 8.44 -4.58
CA PRO A 12 6.54 8.15 -3.35
C PRO A 12 5.61 8.05 -2.13
N SER A 13 6.16 8.10 -0.94
CA SER A 13 5.31 8.00 0.29
C SER A 13 4.14 8.99 0.26
N ARG A 14 2.97 8.54 0.61
CA ARG A 14 1.78 9.43 0.61
C ARG A 14 1.46 9.89 2.05
N PRO A 15 0.64 10.93 2.14
CA PRO A 15 0.24 11.47 3.46
C PRO A 15 -0.78 10.54 4.14
N ILE A 16 -1.12 10.83 5.36
CA ILE A 16 -2.12 9.98 6.09
C ILE A 16 -3.46 9.92 5.34
N PHE A 17 -4.18 8.84 5.47
CA PHE A 17 -5.49 8.71 4.75
C PHE A 17 -6.34 7.60 5.37
N ILE A 18 -7.64 7.65 5.16
CA ILE A 18 -8.55 6.60 5.71
C ILE A 18 -8.49 5.33 4.84
N ARG A 19 -7.37 4.66 4.86
CA ARG A 19 -7.20 3.41 4.05
C ARG A 19 -8.42 2.48 4.17
N PRO A 20 -8.65 1.72 3.12
CA PRO A 20 -9.80 0.78 3.08
C PRO A 20 -9.57 -0.41 4.01
N ILE A 21 -10.60 -1.20 4.20
CA ILE A 21 -10.51 -2.39 5.11
C ILE A 21 -9.78 -3.55 4.40
N GLY A 22 -9.42 -4.55 5.16
CA GLY A 22 -8.70 -5.72 4.58
C GLY A 22 -7.22 -5.67 4.98
N CYS A 23 -6.55 -4.62 4.58
CA CYS A 23 -5.09 -4.48 4.93
C CYS A 23 -4.91 -4.32 6.45
N ASP A 24 -5.86 -3.72 7.11
CA ASP A 24 -5.74 -3.54 8.59
C ASP A 24 -6.24 -4.80 9.33
N VAL A 25 -6.43 -5.89 8.62
CA VAL A 25 -6.89 -7.15 9.26
C VAL A 25 -6.14 -8.34 8.66
N CYS A 26 -4.84 -8.38 8.86
CA CYS A 26 -4.01 -9.51 8.31
C CYS A 26 -4.64 -10.87 8.65
N TYR A 27 -5.40 -10.95 9.71
CA TYR A 27 -6.04 -12.24 10.08
C TYR A 27 -7.52 -12.26 9.63
N GLY A 28 -7.92 -13.28 8.93
CA GLY A 28 -9.33 -13.38 8.47
C GLY A 28 -9.41 -13.18 6.94
N ILE A 29 -8.48 -12.48 6.35
CA ILE A 29 -8.53 -12.26 4.88
C ILE A 29 -7.82 -13.41 4.14
N PRO A 30 -8.15 -13.52 2.87
CA PRO A 30 -7.54 -14.58 2.02
C PRO A 30 -6.09 -14.25 1.67
N SER A 31 -5.30 -15.26 1.40
CA SER A 31 -3.85 -15.06 1.07
C SER A 31 -3.70 -14.12 -0.13
N SER A 32 -4.52 -14.27 -1.13
CA SER A 32 -4.41 -13.39 -2.34
C SER A 32 -4.64 -11.93 -1.95
N THR A 33 -5.65 -11.66 -1.17
CA THR A 33 -5.90 -10.24 -0.74
C THR A 33 -4.77 -9.80 0.18
N ALA A 34 -4.34 -10.67 1.07
CA ALA A 34 -3.23 -10.32 2.00
C ALA A 34 -1.94 -10.07 1.20
N ARG A 35 -1.71 -10.83 0.17
CA ARG A 35 -0.48 -10.62 -0.67
C ARG A 35 -0.52 -9.23 -1.29
N LEU A 36 -1.64 -8.84 -1.84
CA LEU A 36 -1.77 -7.49 -2.46
C LEU A 36 -1.60 -6.41 -1.37
N CYS A 37 -2.13 -6.65 -0.20
CA CYS A 37 -2.01 -5.66 0.92
C CYS A 37 -0.53 -5.44 1.26
N CYS A 38 0.29 -6.45 1.16
CA CYS A 38 1.74 -6.30 1.49
C CYS A 38 2.46 -5.67 0.30
N PHE A 39 2.08 -6.03 -0.90
CA PHE A 39 2.72 -5.48 -2.12
C PHE A 39 2.45 -3.97 -2.27
N ARG A 40 1.26 -3.52 -1.95
CA ARG A 40 0.94 -2.07 -2.10
C ARG A 40 0.99 -1.33 -0.76
N TYR A 41 0.26 -1.80 0.22
CA TYR A 41 0.25 -1.10 1.54
C TYR A 41 1.46 -1.50 2.39
N GLY A 42 1.87 -2.74 2.31
CA GLY A 42 3.04 -3.20 3.11
C GLY A 42 2.61 -3.93 4.38
N ASP A 43 1.33 -4.25 4.52
CA ASP A 43 0.86 -4.96 5.75
C ASP A 43 0.53 -6.42 5.41
N CYS A 44 0.56 -7.28 6.40
CA CYS A 44 0.27 -8.74 6.19
C CYS A 44 1.30 -9.34 5.23
N CYS A 45 2.56 -8.99 5.40
CA CYS A 45 3.63 -9.53 4.52
C CYS A 45 4.04 -10.93 4.97
N HIS A 46 4.40 -11.07 6.22
CA HIS A 46 4.80 -12.41 6.73
C HIS A 46 3.55 -13.26 6.99
N LEU A 47 3.66 -14.28 7.82
CA LEU A 47 2.49 -15.15 8.13
C LEU A 47 1.91 -15.75 6.83
N HIS A 1 -7.31 -28.94 22.00
CA HIS A 1 -7.23 -27.46 22.18
C HIS A 1 -7.26 -26.75 20.83
N SER A 2 -8.15 -25.80 20.67
CA SER A 2 -8.26 -25.04 19.37
C SER A 2 -8.31 -26.01 18.19
N SER A 3 -9.37 -26.76 18.07
CA SER A 3 -9.49 -27.71 16.93
C SER A 3 -10.06 -27.00 15.69
N GLY A 4 -9.21 -26.32 14.96
CA GLY A 4 -9.68 -25.59 13.74
C GLY A 4 -10.24 -24.22 14.14
N TYR A 5 -11.52 -24.16 14.45
CA TYR A 5 -12.16 -22.86 14.86
C TYR A 5 -12.20 -21.87 13.67
N THR A 6 -13.14 -20.97 13.69
CA THR A 6 -13.26 -19.97 12.59
C THR A 6 -12.24 -18.85 12.78
N ARG A 7 -11.50 -18.52 11.76
CA ARG A 7 -10.49 -17.42 11.87
C ARG A 7 -11.20 -16.05 11.93
N PRO A 8 -10.57 -15.12 12.61
CA PRO A 8 -11.15 -13.76 12.75
C PRO A 8 -11.06 -12.99 11.42
N LEU A 9 -12.13 -12.32 11.04
CA LEU A 9 -12.16 -11.53 9.77
C LEU A 9 -12.08 -12.45 8.54
N ARG A 10 -12.81 -12.14 7.50
CA ARG A 10 -12.77 -12.99 6.26
C ARG A 10 -11.34 -12.99 5.70
N LYS A 11 -10.85 -14.16 5.32
CA LYS A 11 -9.47 -14.28 4.77
C LYS A 11 -8.43 -13.83 5.81
N PRO A 12 -7.91 -14.80 6.53
CA PRO A 12 -6.90 -14.52 7.58
C PRO A 12 -5.53 -14.20 6.95
N SER A 13 -4.46 -14.32 7.71
CA SER A 13 -3.08 -14.03 7.19
C SER A 13 -2.93 -12.54 6.84
N ARG A 14 -1.82 -12.18 6.25
CA ARG A 14 -1.59 -10.74 5.89
C ARG A 14 -2.37 -10.35 4.63
N PRO A 15 -3.01 -9.21 4.69
CA PRO A 15 -3.80 -8.70 3.53
C PRO A 15 -2.89 -8.17 2.41
N ILE A 16 -3.45 -7.98 1.24
CA ILE A 16 -2.63 -7.47 0.09
C ILE A 16 -2.28 -5.99 0.29
N PHE A 17 -1.44 -5.45 -0.57
CA PHE A 17 -1.04 -4.02 -0.46
C PHE A 17 -2.24 -3.11 -0.77
N ILE A 18 -2.25 -1.92 -0.22
CA ILE A 18 -3.39 -0.98 -0.47
C ILE A 18 -2.94 0.17 -1.38
N ARG A 19 -3.84 1.11 -1.63
CA ARG A 19 -3.54 2.29 -2.50
C ARG A 19 -3.25 1.86 -3.96
N PRO A 20 -3.58 2.75 -4.87
CA PRO A 20 -3.38 2.48 -6.32
C PRO A 20 -1.88 2.48 -6.70
N ILE A 21 -1.60 2.17 -7.94
CA ILE A 21 -0.19 2.14 -8.42
C ILE A 21 0.36 3.56 -8.61
N GLY A 22 1.66 3.67 -8.78
CA GLY A 22 2.29 4.99 -8.98
C GLY A 22 3.02 5.40 -7.70
N CYS A 23 2.29 5.56 -6.62
CA CYS A 23 2.93 5.95 -5.33
C CYS A 23 3.77 4.79 -4.78
N ASP A 24 3.42 3.57 -5.10
CA ASP A 24 4.20 2.40 -4.60
C ASP A 24 5.47 2.18 -5.45
N VAL A 25 5.79 3.11 -6.33
CA VAL A 25 7.01 2.97 -7.18
C VAL A 25 7.71 4.32 -7.25
N CYS A 26 8.21 4.79 -6.13
CA CYS A 26 8.92 6.11 -6.08
C CYS A 26 9.99 6.21 -7.17
N TYR A 27 10.48 5.09 -7.64
CA TYR A 27 11.53 5.11 -8.70
C TYR A 27 10.92 4.73 -10.06
N GLY A 28 11.10 5.57 -11.05
CA GLY A 28 10.55 5.25 -12.39
C GLY A 28 9.41 6.23 -12.74
N ILE A 29 8.73 6.77 -11.76
CA ILE A 29 7.62 7.72 -12.06
C ILE A 29 8.17 9.13 -12.30
N PRO A 30 7.35 9.94 -12.91
CA PRO A 30 7.73 11.34 -13.22
C PRO A 30 7.71 12.21 -11.96
N SER A 31 8.46 13.28 -11.97
CA SER A 31 8.54 14.19 -10.78
C SER A 31 7.15 14.75 -10.43
N SER A 32 6.35 15.06 -11.42
CA SER A 32 4.98 15.60 -11.13
C SER A 32 4.16 14.55 -10.38
N THR A 33 4.19 13.32 -10.82
CA THR A 33 3.43 12.25 -10.11
C THR A 33 4.09 11.99 -8.75
N ALA A 34 5.40 11.99 -8.73
CA ALA A 34 6.13 11.75 -7.45
C ALA A 34 5.81 12.87 -6.45
N ARG A 35 5.75 14.10 -6.91
CA ARG A 35 5.42 15.23 -5.99
C ARG A 35 4.00 15.05 -5.42
N LEU A 36 3.08 14.68 -6.27
CA LEU A 36 1.67 14.47 -5.79
C LEU A 36 1.62 13.25 -4.86
N CYS A 37 2.39 12.24 -5.17
CA CYS A 37 2.41 11.01 -4.31
C CYS A 37 2.93 11.36 -2.91
N CYS A 38 3.79 12.35 -2.81
CA CYS A 38 4.32 12.75 -1.47
C CYS A 38 3.39 13.79 -0.83
N PHE A 39 2.84 14.66 -1.63
CA PHE A 39 1.91 15.71 -1.10
C PHE A 39 0.60 15.10 -0.60
N ARG A 40 0.09 14.11 -1.29
CA ARG A 40 -1.20 13.48 -0.85
C ARG A 40 -0.97 12.19 -0.07
N TYR A 41 -0.37 11.20 -0.69
CA TYR A 41 -0.13 9.91 0.02
C TYR A 41 0.98 10.03 1.05
N GLY A 42 2.05 10.70 0.71
CA GLY A 42 3.18 10.87 1.66
C GLY A 42 4.37 9.97 1.25
N ASP A 43 4.33 9.37 0.07
CA ASP A 43 5.46 8.50 -0.36
C ASP A 43 6.34 9.25 -1.37
N CYS A 44 7.55 8.80 -1.55
CA CYS A 44 8.50 9.47 -2.51
C CYS A 44 8.76 10.92 -2.06
N CYS A 45 8.90 11.13 -0.77
CA CYS A 45 9.13 12.51 -0.25
C CYS A 45 10.63 12.78 -0.15
N HIS A 46 11.33 11.99 0.62
CA HIS A 46 12.80 12.19 0.78
C HIS A 46 13.56 11.43 -0.32
N LEU A 47 13.75 12.04 -1.46
CA LEU A 47 14.48 11.36 -2.57
C LEU A 47 15.74 12.15 -2.95
#